data_3RWD
#
_entry.id   3RWD
#
_cell.length_a   45.219
_cell.length_b   69.025
_cell.length_c   81.001
_cell.angle_alpha   96.45
_cell.angle_beta   88.79
_cell.angle_gamma   89.94
#
_symmetry.space_group_name_H-M   'P 1'
#
loop_
_entity.id
_entity.type
_entity.pdbx_description
1 polymer 'Major histocompatibility complex class I'
2 polymer Beta-2-microglobulin
3 polymer 'Nef IW11 peptide from Protein Nef'
4 water water
#
loop_
_entity_poly.entity_id
_entity_poly.type
_entity_poly.pdbx_seq_one_letter_code
_entity_poly.pdbx_strand_id
1 'polypeptide(L)'
;GSHSMKYFYTSVSRPGRGEPRFISVGYVDDTQFVRFDSDAESPREEPRAPWVEQEGPEYWEEATRRAKEAAQTHRENLRT
ALRYYNQSEAGSHTIQKMYGCDLGPDGRLLRGYHQSAYDGKDYIALNGDLRSWTAADMAAQNTQRKWEGNRYAERFRAYL
EGECLEWLRRYLENGKETLQRADPPKTHVTHHPVSDHEATLRCWALGFYPAEITLTWQRDGEEQTQDTEFVETRPGGDGT
FQKWGAVVVPSGEEQRYTCHVQHEGLPEPLTLRWEP
;
A,D
2 'polypeptide(L)'
;IQRTPKIQVYSRHPPENGKPNFLNCYVSGFHPSDIEVDLLKNGEKMGKVEHSDLSFSKDWSFYLLYYTEFTPNEKDEYAC
RVNHVTLSGPRTVKWDRDM
;
B,E
3 'polypeptide(L)' IRYPKTFGWLW C,F
#
# COMPACT_ATOMS: atom_id res chain seq x y z
N GLY A 1 8.64 1.19 16.51
CA GLY A 1 8.23 2.53 16.90
C GLY A 1 6.96 2.52 17.72
N SER A 2 5.81 2.53 17.05
CA SER A 2 4.52 2.52 17.73
C SER A 2 4.12 1.10 18.12
N HIS A 3 3.56 0.96 19.32
CA HIS A 3 3.12 -0.35 19.81
C HIS A 3 1.66 -0.30 20.22
N SER A 4 1.07 -1.46 20.44
CA SER A 4 -0.35 -1.56 20.78
C SER A 4 -0.64 -2.67 21.78
N MET A 5 -1.60 -2.44 22.66
CA MET A 5 -2.03 -3.47 23.60
C MET A 5 -3.55 -3.57 23.59
N LYS A 6 -4.05 -4.75 23.22
CA LYS A 6 -5.51 -4.92 23.09
C LYS A 6 -6.04 -6.12 23.86
N TYR A 7 -7.31 -6.05 24.22
CA TYR A 7 -7.98 -7.14 24.92
C TYR A 7 -9.26 -7.54 24.19
N PHE A 8 -9.47 -8.85 24.12
CA PHE A 8 -10.62 -9.42 23.42
C PHE A 8 -11.47 -10.27 24.35
N TYR A 9 -12.74 -9.87 24.50
CA TYR A 9 -13.71 -10.61 25.30
C TYR A 9 -14.77 -11.22 24.40
N THR A 10 -15.07 -12.49 24.64
CA THR A 10 -16.11 -13.20 23.92
C THR A 10 -17.01 -13.96 24.88
N SER A 11 -18.28 -13.57 24.92
CA SER A 11 -19.26 -14.23 25.78
C SER A 11 -20.35 -14.90 24.94
N VAL A 12 -20.60 -16.18 25.22
CA VAL A 12 -21.58 -16.95 24.45
C VAL A 12 -22.58 -17.65 25.36
N SER A 13 -23.83 -17.19 25.33
CA SER A 13 -24.88 -17.82 26.12
C SER A 13 -25.23 -19.19 25.57
N ARG A 14 -25.34 -20.18 26.44
CA ARG A 14 -25.65 -21.53 26.05
C ARG A 14 -26.83 -22.09 26.83
N PRO A 15 -28.04 -21.95 26.28
CA PRO A 15 -29.30 -22.37 26.92
C PRO A 15 -29.29 -23.84 27.35
N GLY A 16 -29.63 -24.09 28.61
CA GLY A 16 -29.73 -25.45 29.11
C GLY A 16 -28.41 -26.04 29.55
N ARG A 17 -27.33 -25.25 29.44
CA ARG A 17 -26.01 -25.74 29.80
C ARG A 17 -25.40 -24.95 30.97
N GLY A 18 -26.12 -23.94 31.43
CA GLY A 18 -25.67 -23.15 32.56
C GLY A 18 -25.17 -21.77 32.18
N GLU A 19 -24.12 -21.33 32.87
CA GLU A 19 -23.55 -20.00 32.63
C GLU A 19 -22.91 -19.91 31.25
N PRO A 20 -22.84 -18.69 30.70
CA PRO A 20 -22.28 -18.46 29.37
C PRO A 20 -20.76 -18.68 29.32
N ARG A 21 -20.26 -19.02 28.14
CA ARG A 21 -18.82 -19.23 27.93
C ARG A 21 -18.10 -17.89 27.80
N PHE A 22 -17.06 -17.69 28.61
CA PHE A 22 -16.33 -16.44 28.59
C PHE A 22 -14.85 -16.66 28.25
N ILE A 23 -14.47 -16.25 27.05
CA ILE A 23 -13.09 -16.42 26.59
C ILE A 23 -12.46 -15.07 26.25
N SER A 24 -11.36 -14.74 26.93
CA SER A 24 -10.69 -13.47 26.71
C SER A 24 -9.19 -13.65 26.47
N VAL A 25 -8.64 -12.82 25.58
CA VAL A 25 -7.22 -12.89 25.26
C VAL A 25 -6.57 -11.51 25.24
N GLY A 26 -5.30 -11.45 25.64
CA GLY A 26 -4.56 -10.21 25.67
C GLY A 26 -3.40 -10.22 24.69
N TYR A 27 -3.30 -9.13 23.92
CA TYR A 27 -2.28 -9.03 22.88
C TYR A 27 -1.41 -7.79 23.03
N VAL A 28 -0.11 -7.99 22.87
CA VAL A 28 0.83 -6.89 22.67
C VAL A 28 1.24 -6.94 21.20
N ASP A 29 0.74 -5.99 20.43
CA ASP A 29 0.92 -6.01 18.98
C ASP A 29 0.31 -7.29 18.40
N ASP A 30 1.16 -8.17 17.87
CA ASP A 30 0.69 -9.43 17.32
C ASP A 30 1.12 -10.62 18.19
N THR A 31 1.38 -10.34 19.47
CA THR A 31 1.83 -11.38 20.39
C THR A 31 0.87 -11.57 21.56
N GLN A 32 0.19 -12.72 21.57
CA GLN A 32 -0.69 -13.07 22.67
C GLN A 32 0.14 -13.38 23.92
N PHE A 33 -0.30 -12.90 25.08
CA PHE A 33 0.47 -13.07 26.30
C PHE A 33 -0.35 -13.50 27.52
N VAL A 34 -1.68 -13.40 27.41
CA VAL A 34 -2.55 -13.81 28.51
C VAL A 34 -3.84 -14.45 28.01
N ARG A 35 -4.47 -15.24 28.88
CA ARG A 35 -5.72 -15.92 28.55
C ARG A 35 -6.60 -16.11 29.78
N PHE A 36 -7.91 -16.04 29.57
CA PHE A 36 -8.87 -16.38 30.62
C PHE A 36 -10.03 -17.17 30.03
N ASP A 37 -10.16 -18.42 30.46
CA ASP A 37 -11.22 -19.29 29.98
C ASP A 37 -12.09 -19.78 31.14
N SER A 38 -13.36 -19.43 31.11
CA SER A 38 -14.30 -19.82 32.16
C SER A 38 -14.49 -21.33 32.21
N ASP A 39 -14.25 -21.99 31.09
CA ASP A 39 -14.40 -23.44 31.01
C ASP A 39 -13.07 -24.16 31.27
N ALA A 40 -12.09 -23.43 31.78
CA ALA A 40 -10.85 -24.04 32.21
C ALA A 40 -11.09 -24.75 33.53
N GLU A 41 -10.32 -25.81 33.79
CA GLU A 41 -10.50 -26.59 35.02
C GLU A 41 -10.27 -25.72 36.25
N SER A 42 -9.48 -24.66 36.08
CA SER A 42 -9.27 -23.68 37.13
C SER A 42 -9.23 -22.28 36.54
N PRO A 43 -10.40 -21.71 36.27
CA PRO A 43 -10.56 -20.40 35.61
C PRO A 43 -9.68 -19.32 36.26
N ARG A 44 -8.67 -18.87 35.51
CA ARG A 44 -7.75 -17.84 35.99
C ARG A 44 -6.90 -17.31 34.85
N GLU A 45 -6.31 -16.14 35.06
CA GLU A 45 -5.43 -15.54 34.06
C GLU A 45 -4.15 -16.36 33.93
N GLU A 46 -3.78 -16.70 32.70
CA GLU A 46 -2.60 -17.50 32.45
C GLU A 46 -1.70 -16.85 31.43
N PRO A 47 -0.38 -17.06 31.56
CA PRO A 47 0.63 -16.52 30.62
C PRO A 47 0.77 -17.32 29.32
N ARG A 48 0.76 -16.61 28.20
CA ARG A 48 0.98 -17.24 26.90
C ARG A 48 2.26 -16.68 26.26
N ALA A 49 3.07 -16.06 27.10
CA ALA A 49 4.35 -15.49 26.66
C ALA A 49 5.38 -15.60 27.78
N PRO A 50 6.63 -15.92 27.40
CA PRO A 50 7.72 -16.11 28.36
C PRO A 50 8.03 -14.84 29.16
N TRP A 51 7.81 -13.68 28.56
CA TRP A 51 8.18 -12.41 29.20
C TRP A 51 7.18 -11.93 30.25
N VAL A 52 5.95 -12.44 30.19
CA VAL A 52 4.93 -12.07 31.18
C VAL A 52 4.91 -13.10 32.31
N GLU A 53 5.64 -14.19 32.11
CA GLU A 53 5.66 -15.29 33.06
C GLU A 53 6.37 -14.90 34.36
N GLN A 54 7.17 -13.85 34.30
CA GLN A 54 7.96 -13.41 35.46
C GLN A 54 7.13 -12.62 36.48
N GLU A 55 5.89 -12.31 36.13
CA GLU A 55 5.03 -11.54 37.02
C GLU A 55 4.63 -12.35 38.25
N GLY A 56 4.58 -11.67 39.40
CA GLY A 56 4.25 -12.32 40.66
C GLY A 56 2.79 -12.67 40.80
N PRO A 57 2.44 -13.37 41.89
CA PRO A 57 1.06 -13.82 42.17
C PRO A 57 0.05 -12.69 42.11
N GLU A 58 0.42 -11.51 42.60
CA GLU A 58 -0.49 -10.37 42.63
C GLU A 58 -1.07 -10.07 41.25
N TYR A 59 -0.19 -10.05 40.25
CA TYR A 59 -0.59 -9.76 38.88
C TYR A 59 -1.67 -10.73 38.41
N TRP A 60 -1.46 -12.02 38.69
CA TRP A 60 -2.38 -13.05 38.22
C TRP A 60 -3.70 -13.06 38.98
N GLU A 61 -3.62 -12.77 40.28
CA GLU A 61 -4.82 -12.71 41.12
C GLU A 61 -5.69 -11.52 40.73
N GLU A 62 -5.07 -10.36 40.61
CA GLU A 62 -5.79 -9.14 40.21
C GLU A 62 -6.35 -9.30 38.81
N ALA A 63 -5.53 -9.84 37.91
CA ALA A 63 -5.94 -10.06 36.53
C ALA A 63 -7.15 -10.99 36.46
N THR A 64 -7.10 -12.07 37.24
CA THR A 64 -8.21 -13.00 37.32
C THR A 64 -9.46 -12.30 37.85
N ARG A 65 -9.26 -11.45 38.86
CA ARG A 65 -10.35 -10.71 39.46
C ARG A 65 -11.07 -9.83 38.43
N ARG A 66 -10.29 -9.02 37.71
CA ARG A 66 -10.84 -8.15 36.69
C ARG A 66 -11.51 -8.94 35.57
N ALA A 67 -10.89 -10.06 35.21
CA ALA A 67 -11.42 -10.93 34.17
C ALA A 67 -12.80 -11.45 34.55
N LYS A 68 -12.93 -11.96 35.77
CA LYS A 68 -14.21 -12.49 36.25
C LYS A 68 -15.24 -11.37 36.40
N GLU A 69 -14.78 -10.20 36.82
CA GLU A 69 -15.65 -9.04 36.93
C GLU A 69 -16.28 -8.75 35.56
N ALA A 70 -15.42 -8.64 34.55
CA ALA A 70 -15.88 -8.44 33.18
C ALA A 70 -16.84 -9.56 32.79
N ALA A 71 -16.53 -10.79 33.19
CA ALA A 71 -17.37 -11.94 32.90
C ALA A 71 -18.79 -11.72 33.40
N GLN A 72 -18.91 -11.32 34.66
CA GLN A 72 -20.23 -11.06 35.25
C GLN A 72 -20.93 -9.91 34.52
N THR A 73 -20.19 -8.83 34.27
CA THR A 73 -20.75 -7.68 33.55
C THR A 73 -21.38 -8.11 32.23
N HIS A 74 -20.60 -8.79 31.40
CA HIS A 74 -21.10 -9.30 30.13
C HIS A 74 -22.28 -10.23 30.36
N ARG A 75 -22.23 -10.98 31.46
CA ARG A 75 -23.30 -11.92 31.80
C ARG A 75 -24.63 -11.20 31.98
N GLU A 76 -24.61 -10.05 32.65
CA GLU A 76 -25.81 -9.24 32.79
C GLU A 76 -26.18 -8.59 31.45
N ASN A 77 -25.16 -8.15 30.72
CA ASN A 77 -25.36 -7.52 29.42
C ASN A 77 -26.08 -8.43 28.43
N LEU A 78 -25.89 -9.74 28.59
CA LEU A 78 -26.57 -10.71 27.73
C LEU A 78 -28.07 -10.67 27.94
N ARG A 79 -28.49 -10.76 29.20
CA ARG A 79 -29.90 -10.70 29.55
C ARG A 79 -30.51 -9.35 29.15
N THR A 80 -29.83 -8.28 29.51
CA THR A 80 -30.29 -6.94 29.14
C THR A 80 -30.49 -6.87 27.63
N ALA A 81 -29.55 -7.45 26.88
CA ALA A 81 -29.65 -7.50 25.43
C ALA A 81 -30.88 -8.29 25.01
N LEU A 82 -31.17 -9.35 25.75
CA LEU A 82 -32.38 -10.14 25.50
C LEU A 82 -33.61 -9.25 25.60
N ARG A 83 -33.65 -8.40 26.61
CA ARG A 83 -34.75 -7.47 26.76
C ARG A 83 -34.81 -6.48 25.60
N TYR A 84 -33.66 -5.89 25.27
CA TYR A 84 -33.61 -4.88 24.21
C TYR A 84 -34.16 -5.38 22.88
N TYR A 85 -33.68 -6.52 22.42
CA TYR A 85 -34.08 -7.05 21.11
C TYR A 85 -35.27 -8.01 21.23
N ASN A 86 -35.89 -8.04 22.40
CA ASN A 86 -37.05 -8.90 22.62
C ASN A 86 -36.77 -10.33 22.18
N GLN A 87 -35.75 -10.93 22.75
CA GLN A 87 -35.30 -12.27 22.35
C GLN A 87 -35.52 -13.32 23.43
N SER A 88 -35.41 -14.59 23.03
CA SER A 88 -35.69 -15.71 23.92
C SER A 88 -34.42 -16.20 24.63
N GLU A 89 -34.63 -16.87 25.76
CA GLU A 89 -33.51 -17.40 26.54
C GLU A 89 -33.15 -18.81 26.09
N ALA A 90 -33.84 -19.29 25.07
CA ALA A 90 -33.58 -20.62 24.52
C ALA A 90 -32.62 -20.55 23.34
N GLY A 91 -32.24 -19.33 22.96
CA GLY A 91 -31.33 -19.12 21.86
C GLY A 91 -29.95 -18.68 22.32
N SER A 92 -28.93 -19.06 21.57
CA SER A 92 -27.56 -18.68 21.89
C SER A 92 -27.21 -17.31 21.30
N HIS A 93 -26.51 -16.51 22.09
CA HIS A 93 -26.10 -15.17 21.65
C HIS A 93 -24.67 -14.86 22.08
N THR A 94 -24.06 -13.89 21.41
CA THR A 94 -22.66 -13.57 21.65
C THR A 94 -22.40 -12.08 21.82
N ILE A 95 -21.65 -11.75 22.87
CA ILE A 95 -21.17 -10.38 23.08
C ILE A 95 -19.66 -10.34 22.91
N GLN A 96 -19.18 -9.53 21.97
CA GLN A 96 -17.75 -9.40 21.74
C GLN A 96 -17.29 -7.99 22.10
N LYS A 97 -16.05 -7.88 22.58
CA LYS A 97 -15.54 -6.57 22.99
C LYS A 97 -14.02 -6.48 22.92
N MET A 98 -13.52 -5.57 22.10
CA MET A 98 -12.08 -5.35 21.99
C MET A 98 -11.73 -3.95 22.47
N TYR A 99 -10.73 -3.85 23.34
CA TYR A 99 -10.30 -2.53 23.83
C TYR A 99 -8.80 -2.49 24.11
N GLY A 100 -8.13 -1.44 23.65
CA GLY A 100 -6.70 -1.32 23.84
C GLY A 100 -6.16 0.09 23.79
N CYS A 101 -4.84 0.21 23.87
CA CYS A 101 -4.17 1.50 23.83
C CYS A 101 -2.94 1.43 22.93
N ASP A 102 -2.65 2.54 22.25
CA ASP A 102 -1.52 2.63 21.33
C ASP A 102 -0.44 3.56 21.86
N LEU A 103 0.72 2.99 22.17
CA LEU A 103 1.87 3.79 22.61
C LEU A 103 2.64 4.32 21.41
N GLY A 104 2.85 5.63 21.38
CA GLY A 104 3.59 6.26 20.30
C GLY A 104 5.07 6.33 20.58
N PRO A 105 5.84 6.91 19.65
CA PRO A 105 7.30 7.04 19.77
C PRO A 105 7.68 8.00 20.89
N ASP A 106 6.86 9.01 21.12
CA ASP A 106 7.11 10.00 22.17
C ASP A 106 6.73 9.46 23.55
N GLY A 107 6.14 8.27 23.58
CA GLY A 107 5.73 7.67 24.83
C GLY A 107 4.39 8.20 25.32
N ARG A 108 3.59 8.70 24.38
CA ARG A 108 2.30 9.28 24.71
C ARG A 108 1.16 8.50 24.05
N LEU A 109 -0.05 8.66 24.57
CA LEU A 109 -1.21 7.98 24.01
C LEU A 109 -1.48 8.41 22.58
N LEU A 110 -1.30 7.48 21.64
CA LEU A 110 -1.47 7.78 20.23
C LEU A 110 -2.90 7.53 19.77
N ARG A 111 -3.46 6.41 20.19
CA ARG A 111 -4.81 6.02 19.76
C ARG A 111 -5.47 5.11 20.79
N GLY A 112 -6.79 5.22 20.91
CA GLY A 112 -7.53 4.43 21.88
C GLY A 112 -8.56 3.51 21.23
N TYR A 113 -8.76 2.34 21.84
CA TYR A 113 -9.69 1.35 21.31
C TYR A 113 -10.68 0.87 22.37
N HIS A 114 -11.96 0.87 22.03
CA HIS A 114 -13.01 0.37 22.90
C HIS A 114 -14.29 0.17 22.12
N GLN A 115 -14.42 -1.00 21.48
CA GLN A 115 -15.59 -1.29 20.65
C GLN A 115 -16.20 -2.65 20.99
N SER A 116 -17.53 -2.69 20.98
CA SER A 116 -18.25 -3.92 21.32
C SER A 116 -19.38 -4.20 20.34
N ALA A 117 -19.56 -5.48 20.02
CA ALA A 117 -20.58 -5.92 19.08
C ALA A 117 -21.45 -7.02 19.67
N TYR A 118 -22.67 -7.14 19.14
CA TYR A 118 -23.61 -8.15 19.62
C TYR A 118 -24.06 -9.04 18.46
N ASP A 119 -23.81 -10.35 18.59
CA ASP A 119 -24.19 -11.32 17.57
C ASP A 119 -23.51 -11.06 16.23
N GLY A 120 -22.27 -10.58 16.27
CA GLY A 120 -21.48 -10.40 15.06
C GLY A 120 -21.61 -9.04 14.40
N LYS A 121 -22.53 -8.22 14.89
CA LYS A 121 -22.73 -6.89 14.33
C LYS A 121 -22.40 -5.78 15.33
N ASP A 122 -21.83 -4.70 14.84
CA ASP A 122 -21.49 -3.55 15.68
C ASP A 122 -22.62 -3.20 16.63
N TYR A 123 -22.27 -2.98 17.90
CA TYR A 123 -23.26 -2.57 18.90
C TYR A 123 -22.99 -1.14 19.35
N ILE A 124 -21.80 -0.92 19.93
CA ILE A 124 -21.43 0.42 20.37
C ILE A 124 -19.90 0.56 20.43
N ALA A 125 -19.41 1.71 19.98
CA ALA A 125 -17.96 1.93 19.94
C ALA A 125 -17.57 3.30 20.48
N LEU A 126 -16.33 3.41 20.95
CA LEU A 126 -15.79 4.68 21.44
C LEU A 126 -15.17 5.46 20.30
N ASN A 127 -15.51 6.75 20.20
CA ASN A 127 -15.00 7.59 19.12
C ASN A 127 -13.54 7.98 19.31
N GLY A 128 -12.95 8.54 18.26
CA GLY A 128 -11.55 8.93 18.27
C GLY A 128 -11.21 9.92 19.37
N ASP A 129 -12.15 10.80 19.68
CA ASP A 129 -11.96 11.81 20.71
C ASP A 129 -11.94 11.19 22.11
N LEU A 130 -12.26 9.90 22.17
CA LEU A 130 -12.24 9.15 23.43
C LEU A 130 -13.18 9.77 24.47
N ARG A 131 -14.21 10.47 23.98
CA ARG A 131 -15.15 11.14 24.87
C ARG A 131 -16.60 10.83 24.53
N SER A 132 -16.89 10.65 23.24
CA SER A 132 -18.25 10.37 22.80
C SER A 132 -18.39 8.93 22.31
N TRP A 133 -19.64 8.51 22.10
CA TRP A 133 -19.91 7.14 21.68
C TRP A 133 -20.66 7.08 20.34
N THR A 134 -20.55 5.95 19.66
CA THR A 134 -21.30 5.71 18.44
C THR A 134 -22.06 4.40 18.54
N ALA A 135 -23.39 4.49 18.46
CA ALA A 135 -24.25 3.31 18.53
C ALA A 135 -24.73 2.93 17.14
N ALA A 136 -24.85 1.62 16.90
CA ALA A 136 -25.22 1.12 15.57
C ALA A 136 -26.73 1.11 15.36
N ASP A 137 -27.48 0.84 16.43
CA ASP A 137 -28.93 0.75 16.32
C ASP A 137 -29.66 1.45 17.46
N MET A 138 -30.96 1.24 17.54
CA MET A 138 -31.80 1.90 18.53
C MET A 138 -31.59 1.34 19.94
N ALA A 139 -31.38 0.03 20.02
CA ALA A 139 -31.19 -0.63 21.30
C ALA A 139 -29.89 -0.21 21.97
N ALA A 140 -28.85 0.03 21.16
CA ALA A 140 -27.55 0.43 21.66
C ALA A 140 -27.55 1.88 22.17
N GLN A 141 -28.54 2.65 21.71
CA GLN A 141 -28.65 4.05 22.12
C GLN A 141 -29.03 4.16 23.60
N ASN A 142 -29.69 3.13 24.11
CA ASN A 142 -30.00 3.06 25.53
C ASN A 142 -28.71 2.93 26.32
N THR A 143 -27.88 1.98 25.91
CA THR A 143 -26.56 1.78 26.51
C THR A 143 -25.75 3.07 26.46
N GLN A 144 -25.78 3.73 25.30
CA GLN A 144 -25.08 4.99 25.13
C GLN A 144 -25.59 6.03 26.13
N ARG A 145 -26.91 6.09 26.30
CA ARG A 145 -27.51 7.01 27.25
C ARG A 145 -27.00 6.74 28.67
N LYS A 146 -27.02 5.48 29.08
CA LYS A 146 -26.56 5.11 30.41
C LYS A 146 -25.08 5.49 30.61
N TRP A 147 -24.24 5.06 29.67
CA TRP A 147 -22.81 5.36 29.73
C TRP A 147 -22.53 6.86 29.77
N GLU A 148 -23.31 7.64 29.05
CA GLU A 148 -23.20 9.09 29.11
C GLU A 148 -23.62 9.59 30.49
N GLY A 149 -24.62 8.93 31.06
CA GLY A 149 -25.16 9.30 32.35
C GLY A 149 -24.20 9.05 33.50
N ASN A 150 -23.34 8.03 33.35
CA ASN A 150 -22.43 7.67 34.43
C ASN A 150 -20.96 8.04 34.19
N ARG A 151 -20.71 8.76 33.11
CA ARG A 151 -19.34 9.19 32.79
C ARG A 151 -18.36 8.03 32.67
N TYR A 152 -18.72 7.02 31.87
CA TYR A 152 -17.89 5.84 31.70
C TYR A 152 -16.66 6.14 30.84
N ALA A 153 -16.87 6.95 29.80
CA ALA A 153 -15.78 7.33 28.89
C ALA A 153 -14.62 7.96 29.65
N GLU A 154 -14.95 8.71 30.70
CA GLU A 154 -13.94 9.33 31.55
C GLU A 154 -13.11 8.29 32.29
N ARG A 155 -13.77 7.30 32.88
CA ARG A 155 -13.07 6.23 33.59
C ARG A 155 -12.16 5.46 32.65
N PHE A 156 -12.73 4.95 31.56
CA PHE A 156 -11.94 4.19 30.59
C PHE A 156 -10.81 5.03 30.03
N ARG A 157 -11.02 6.33 29.96
CA ARG A 157 -9.99 7.25 29.48
C ARG A 157 -8.85 7.35 30.48
N ALA A 158 -9.20 7.49 31.76
CA ALA A 158 -8.22 7.52 32.83
C ALA A 158 -7.43 6.21 32.84
N TYR A 159 -8.10 5.13 32.42
CA TYR A 159 -7.43 3.84 32.30
C TYR A 159 -6.47 3.83 31.11
N LEU A 160 -6.89 4.43 30.00
CA LEU A 160 -6.07 4.47 28.79
C LEU A 160 -4.77 5.25 29.01
N GLU A 161 -4.87 6.36 29.74
CA GLU A 161 -3.72 7.22 29.97
C GLU A 161 -2.94 6.78 31.21
N GLY A 162 -3.48 5.81 31.94
CA GLY A 162 -2.87 5.35 33.16
C GLY A 162 -2.26 3.96 33.08
N GLU A 163 -2.89 3.01 33.76
CA GLU A 163 -2.38 1.64 33.85
C GLU A 163 -2.06 1.03 32.48
N CYS A 164 -2.93 1.28 31.51
CA CYS A 164 -2.78 0.68 30.18
C CYS A 164 -1.41 0.99 29.59
N LEU A 165 -1.10 2.27 29.46
CA LEU A 165 0.15 2.72 28.85
C LEU A 165 1.37 2.25 29.65
N GLU A 166 1.29 2.39 30.97
CA GLU A 166 2.40 2.03 31.86
C GLU A 166 2.74 0.55 31.79
N TRP A 167 1.71 -0.30 31.83
CA TRP A 167 1.90 -1.74 31.76
C TRP A 167 2.31 -2.21 30.37
N LEU A 168 1.82 -1.52 29.34
CA LEU A 168 2.25 -1.80 27.98
C LEU A 168 3.75 -1.54 27.87
N ARG A 169 4.16 -0.37 28.36
CA ARG A 169 5.56 0.02 28.39
C ARG A 169 6.38 -1.03 29.13
N ARG A 170 5.90 -1.42 30.31
CA ARG A 170 6.57 -2.42 31.12
C ARG A 170 6.75 -3.73 30.37
N TYR A 171 5.70 -4.16 29.68
CA TYR A 171 5.76 -5.39 28.88
C TYR A 171 6.83 -5.26 27.81
N LEU A 172 6.79 -4.14 27.08
CA LEU A 172 7.75 -3.89 26.01
C LEU A 172 9.18 -3.94 26.54
N GLU A 173 9.38 -3.44 27.75
CA GLU A 173 10.70 -3.43 28.36
C GLU A 173 11.11 -4.83 28.83
N ASN A 174 10.14 -5.63 29.23
CA ASN A 174 10.40 -6.98 29.69
C ASN A 174 10.72 -7.95 28.55
N GLY A 175 9.94 -7.87 27.47
CA GLY A 175 10.11 -8.77 26.35
C GLY A 175 10.58 -8.07 25.08
N LYS A 176 11.55 -7.17 25.23
CA LYS A 176 12.12 -6.47 24.08
C LYS A 176 12.65 -7.47 23.05
N GLU A 177 13.22 -8.56 23.54
CA GLU A 177 13.84 -9.57 22.69
C GLU A 177 12.91 -10.05 21.58
N THR A 178 11.61 -10.10 21.87
CA THR A 178 10.65 -10.64 20.92
C THR A 178 9.57 -9.64 20.53
N LEU A 179 9.32 -8.66 21.40
CA LEU A 179 8.27 -7.67 21.15
C LEU A 179 8.75 -6.50 20.31
N GLN A 180 9.98 -6.04 20.58
CA GLN A 180 10.57 -4.96 19.80
C GLN A 180 11.32 -5.53 18.61
N ARG A 181 10.97 -6.76 18.23
CA ARG A 181 11.64 -7.46 17.15
C ARG A 181 10.96 -7.21 15.81
N ALA A 182 11.76 -7.23 14.74
CA ALA A 182 11.24 -7.05 13.39
C ALA A 182 11.88 -8.05 12.43
N ASP A 183 11.47 -9.30 12.52
CA ASP A 183 12.05 -10.36 11.71
C ASP A 183 11.56 -10.32 10.27
N PRO A 184 12.50 -10.23 9.32
CA PRO A 184 12.20 -10.25 7.88
C PRO A 184 11.76 -11.64 7.43
N PRO A 185 10.83 -11.71 6.46
CA PRO A 185 10.30 -12.99 5.98
C PRO A 185 11.26 -13.71 5.03
N LYS A 186 11.42 -15.01 5.24
CA LYS A 186 12.16 -15.84 4.31
C LYS A 186 11.28 -16.10 3.08
N THR A 187 11.65 -15.49 1.96
CA THR A 187 10.82 -15.54 0.76
C THR A 187 11.45 -16.39 -0.33
N HIS A 188 10.62 -16.95 -1.19
CA HIS A 188 11.09 -17.72 -2.34
C HIS A 188 9.96 -18.04 -3.32
N VAL A 189 10.32 -18.34 -4.57
CA VAL A 189 9.32 -18.61 -5.59
C VAL A 189 9.30 -20.08 -5.98
N THR A 190 8.10 -20.66 -6.08
CA THR A 190 7.94 -22.05 -6.47
C THR A 190 7.09 -22.18 -7.73
N HIS A 191 7.31 -23.28 -8.47
CA HIS A 191 6.64 -23.51 -9.74
C HIS A 191 5.76 -24.74 -9.66
N HIS A 192 4.50 -24.61 -10.07
CA HIS A 192 3.54 -25.70 -10.00
C HIS A 192 2.72 -25.80 -11.29
N PRO A 193 3.21 -26.58 -12.27
CA PRO A 193 2.55 -26.76 -13.56
C PRO A 193 1.10 -27.22 -13.42
N VAL A 194 0.18 -26.46 -13.99
CA VAL A 194 -1.23 -26.84 -14.00
C VAL A 194 -1.50 -27.82 -15.13
N SER A 195 -0.98 -27.50 -16.31
CA SER A 195 -1.10 -28.38 -17.48
C SER A 195 0.21 -28.36 -18.27
N ASP A 196 0.10 -28.47 -19.59
CA ASP A 196 1.26 -28.40 -20.46
C ASP A 196 1.39 -27.01 -21.08
N HIS A 197 0.50 -26.11 -20.67
CA HIS A 197 0.47 -24.76 -21.22
C HIS A 197 0.30 -23.72 -20.11
N GLU A 198 -0.01 -24.19 -18.91
CA GLU A 198 -0.19 -23.31 -17.77
C GLU A 198 0.62 -23.77 -16.56
N ALA A 199 1.03 -22.82 -15.73
CA ALA A 199 1.80 -23.11 -14.52
C ALA A 199 1.61 -22.02 -13.49
N THR A 200 1.51 -22.41 -12.22
CA THR A 200 1.28 -21.47 -11.14
C THR A 200 2.56 -21.12 -10.40
N LEU A 201 2.85 -19.82 -10.32
CA LEU A 201 4.01 -19.34 -9.57
C LEU A 201 3.58 -18.89 -8.19
N ARG A 202 4.20 -19.46 -7.16
CA ARG A 202 3.82 -19.14 -5.79
C ARG A 202 4.95 -18.42 -5.04
N CYS A 203 4.62 -17.27 -4.45
CA CYS A 203 5.57 -16.47 -3.70
C CYS A 203 5.38 -16.67 -2.20
N TRP A 204 6.41 -17.22 -1.56
CA TRP A 204 6.37 -17.54 -0.14
C TRP A 204 7.14 -16.54 0.72
N ALA A 205 6.49 -16.09 1.79
CA ALA A 205 7.14 -15.27 2.81
C ALA A 205 6.86 -15.91 4.16
N LEU A 206 7.90 -16.46 4.79
CA LEU A 206 7.72 -17.24 6.01
C LEU A 206 8.43 -16.66 7.23
N GLY A 207 7.94 -17.03 8.41
CA GLY A 207 8.57 -16.65 9.66
C GLY A 207 8.86 -15.17 9.82
N PHE A 208 7.90 -14.33 9.46
CA PHE A 208 8.07 -12.89 9.59
C PHE A 208 7.25 -12.31 10.73
N TYR A 209 7.73 -11.21 11.30
CA TYR A 209 7.04 -10.53 12.38
C TYR A 209 7.33 -9.03 12.32
N PRO A 210 6.30 -8.20 12.54
CA PRO A 210 4.93 -8.61 12.87
C PRO A 210 4.18 -9.17 11.66
N ALA A 211 2.86 -9.29 11.80
CA ALA A 211 2.02 -9.91 10.79
C ALA A 211 1.87 -9.06 9.52
N GLU A 212 1.82 -7.75 9.69
CA GLU A 212 1.62 -6.85 8.56
C GLU A 212 2.67 -7.05 7.48
N ILE A 213 2.21 -7.29 6.25
CA ILE A 213 3.10 -7.53 5.13
C ILE A 213 2.35 -7.31 3.82
N THR A 214 3.08 -7.04 2.74
CA THR A 214 2.45 -6.78 1.45
C THR A 214 3.07 -7.62 0.34
N LEU A 215 2.24 -8.44 -0.31
CA LEU A 215 2.70 -9.27 -1.43
C LEU A 215 1.95 -8.92 -2.70
N THR A 216 2.70 -8.63 -3.76
CA THR A 216 2.10 -8.32 -5.05
C THR A 216 2.84 -9.01 -6.19
N TRP A 217 2.17 -9.16 -7.34
CA TRP A 217 2.79 -9.73 -8.51
C TRP A 217 2.75 -8.75 -9.68
N GLN A 218 3.81 -8.76 -10.49
CA GLN A 218 3.88 -7.84 -11.61
C GLN A 218 4.35 -8.52 -12.89
N ARG A 219 3.62 -8.25 -13.98
CA ARG A 219 3.97 -8.78 -15.29
C ARG A 219 4.61 -7.69 -16.14
N ASP A 220 5.93 -7.80 -16.33
CA ASP A 220 6.69 -6.79 -17.07
C ASP A 220 6.72 -5.46 -16.34
N GLY A 221 6.53 -5.50 -15.02
CA GLY A 221 6.58 -4.29 -14.21
C GLY A 221 5.21 -3.73 -13.89
N GLU A 222 4.17 -4.40 -14.37
CA GLU A 222 2.80 -3.95 -14.17
C GLU A 222 2.04 -4.90 -13.24
N GLU A 223 1.48 -4.36 -12.16
CA GLU A 223 0.79 -5.16 -11.16
C GLU A 223 -0.26 -6.07 -11.77
N GLN A 224 -0.31 -7.32 -11.30
CA GLN A 224 -1.27 -8.31 -11.79
C GLN A 224 -2.32 -8.62 -10.75
N THR A 225 -3.59 -8.40 -11.11
CA THR A 225 -4.70 -8.70 -10.22
C THR A 225 -5.53 -9.83 -10.80
N GLN A 226 -5.37 -10.07 -12.10
CA GLN A 226 -6.12 -11.12 -12.79
C GLN A 226 -5.48 -12.49 -12.54
N ASP A 227 -6.31 -13.47 -12.23
CA ASP A 227 -5.84 -14.83 -11.98
C ASP A 227 -4.80 -14.88 -10.86
N THR A 228 -5.02 -14.05 -9.84
CA THR A 228 -4.09 -13.99 -8.71
C THR A 228 -4.77 -14.46 -7.43
N GLU A 229 -4.01 -15.16 -6.58
CA GLU A 229 -4.55 -15.67 -5.33
C GLU A 229 -3.66 -15.33 -4.15
N PHE A 230 -4.18 -14.51 -3.24
CA PHE A 230 -3.47 -14.17 -2.01
C PHE A 230 -4.19 -14.77 -0.81
N VAL A 231 -3.52 -15.66 -0.10
CA VAL A 231 -4.10 -16.27 1.09
C VAL A 231 -3.94 -15.37 2.31
N GLU A 232 -4.89 -15.48 3.24
CA GLU A 232 -4.88 -14.66 4.44
C GLU A 232 -3.63 -14.92 5.28
N THR A 233 -3.08 -13.87 5.87
CA THR A 233 -1.91 -13.99 6.72
C THR A 233 -2.20 -14.96 7.87
N ARG A 234 -1.39 -16.01 7.96
CA ARG A 234 -1.63 -17.08 8.92
C ARG A 234 -0.50 -17.21 9.93
N PRO A 235 -0.81 -17.74 11.12
CA PRO A 235 0.18 -17.94 12.19
C PRO A 235 1.01 -19.20 11.94
N GLY A 236 2.30 -19.13 12.28
CA GLY A 236 3.18 -20.28 12.12
C GLY A 236 3.07 -21.23 13.30
N GLY A 237 2.44 -20.76 14.37
CA GLY A 237 2.27 -21.57 15.57
C GLY A 237 3.44 -21.46 16.52
N ASP A 238 4.39 -20.59 16.18
CA ASP A 238 5.59 -20.40 17.00
C ASP A 238 5.85 -18.93 17.28
N GLY A 239 4.91 -18.08 16.88
CA GLY A 239 5.04 -16.65 17.10
C GLY A 239 5.36 -15.88 15.84
N THR A 240 5.31 -16.58 14.70
CA THR A 240 5.59 -15.95 13.42
C THR A 240 4.37 -16.03 12.50
N PHE A 241 4.48 -15.45 11.31
CA PHE A 241 3.38 -15.46 10.36
C PHE A 241 3.81 -15.90 8.97
N GLN A 242 2.86 -16.36 8.17
CA GLN A 242 3.12 -16.82 6.82
C GLN A 242 2.15 -16.21 5.83
N LYS A 243 2.52 -16.21 4.56
CA LYS A 243 1.66 -15.69 3.50
C LYS A 243 2.31 -15.89 2.13
N TRP A 244 1.54 -16.44 1.19
CA TRP A 244 2.04 -16.63 -0.17
C TRP A 244 1.05 -16.10 -1.20
N GLY A 245 1.57 -15.73 -2.36
CA GLY A 245 0.74 -15.22 -3.44
C GLY A 245 1.02 -15.93 -4.75
N ALA A 246 -0.02 -16.51 -5.35
CA ALA A 246 0.16 -17.31 -6.56
C ALA A 246 -0.46 -16.67 -7.79
N VAL A 247 0.26 -16.79 -8.92
CA VAL A 247 -0.25 -16.29 -10.19
C VAL A 247 -0.30 -17.41 -11.23
N VAL A 248 -1.38 -17.45 -11.99
CA VAL A 248 -1.54 -18.40 -13.07
C VAL A 248 -0.90 -17.84 -14.35
N VAL A 249 0.20 -18.46 -14.76
CA VAL A 249 0.98 -17.94 -15.88
C VAL A 249 1.05 -18.95 -17.03
N PRO A 250 0.87 -18.47 -18.27
CA PRO A 250 1.03 -19.31 -19.46
C PRO A 250 2.49 -19.71 -19.65
N SER A 251 2.73 -21.00 -19.88
CA SER A 251 4.08 -21.51 -20.05
C SER A 251 4.88 -20.68 -21.04
N GLY A 252 6.10 -20.33 -20.67
CA GLY A 252 6.98 -19.55 -21.53
C GLY A 252 7.06 -18.08 -21.14
N GLU A 253 6.26 -17.68 -20.15
CA GLU A 253 6.24 -16.30 -19.69
C GLU A 253 6.62 -16.18 -18.22
N GLU A 254 7.11 -17.26 -17.64
CA GLU A 254 7.47 -17.28 -16.22
C GLU A 254 8.49 -16.20 -15.87
N GLN A 255 9.43 -15.95 -16.77
CA GLN A 255 10.51 -14.99 -16.52
C GLN A 255 10.07 -13.55 -16.72
N ARG A 256 8.78 -13.35 -16.99
CA ARG A 256 8.23 -12.02 -17.18
C ARG A 256 7.44 -11.58 -15.96
N TYR A 257 7.43 -12.41 -14.93
CA TYR A 257 6.71 -12.11 -13.69
C TYR A 257 7.65 -11.91 -12.52
N THR A 258 7.31 -10.96 -11.66
CA THR A 258 8.12 -10.67 -10.48
C THR A 258 7.26 -10.53 -9.23
N CYS A 259 7.77 -11.05 -8.12
CA CYS A 259 7.09 -10.94 -6.83
C CYS A 259 7.62 -9.72 -6.09
N HIS A 260 6.75 -9.07 -5.31
CA HIS A 260 7.12 -7.87 -4.58
C HIS A 260 6.63 -7.95 -3.13
N VAL A 261 7.57 -7.92 -2.21
CA VAL A 261 7.27 -8.09 -0.79
C VAL A 261 7.72 -6.89 0.04
N GLN A 262 6.75 -6.20 0.64
CA GLN A 262 7.05 -5.10 1.55
C GLN A 262 6.80 -5.53 2.99
N HIS A 263 7.86 -5.49 3.80
CA HIS A 263 7.76 -5.86 5.20
C HIS A 263 8.69 -4.99 6.06
N GLU A 264 8.29 -4.76 7.30
CA GLU A 264 9.05 -3.91 8.21
C GLU A 264 10.46 -4.43 8.45
N GLY A 265 10.61 -5.75 8.47
CA GLY A 265 11.88 -6.38 8.74
C GLY A 265 12.87 -6.27 7.59
N LEU A 266 12.43 -5.66 6.50
CA LEU A 266 13.27 -5.52 5.31
C LEU A 266 13.72 -4.08 5.11
N PRO A 267 15.05 -3.87 4.96
CA PRO A 267 15.60 -2.54 4.69
C PRO A 267 14.96 -1.94 3.45
N GLU A 268 14.96 -2.69 2.36
CA GLU A 268 14.28 -2.29 1.13
C GLU A 268 13.28 -3.35 0.71
N PRO A 269 12.27 -2.96 -0.08
CA PRO A 269 11.28 -3.92 -0.59
C PRO A 269 11.95 -4.99 -1.46
N LEU A 270 11.42 -6.20 -1.43
CA LEU A 270 12.02 -7.31 -2.17
C LEU A 270 11.40 -7.51 -3.55
N THR A 271 12.27 -7.84 -4.51
CA THR A 271 11.84 -8.16 -5.87
C THR A 271 12.35 -9.54 -6.24
N LEU A 272 11.45 -10.51 -6.31
CA LEU A 272 11.83 -11.89 -6.58
C LEU A 272 11.42 -12.36 -7.98
N ARG A 273 12.10 -13.39 -8.45
CA ARG A 273 11.81 -14.00 -9.74
C ARG A 273 12.15 -15.49 -9.66
N TRP A 274 11.36 -16.32 -10.33
CA TRP A 274 11.56 -17.76 -10.26
C TRP A 274 13.01 -18.15 -10.55
N GLU A 275 13.63 -18.85 -9.61
CA GLU A 275 15.00 -19.31 -9.75
C GLU A 275 15.06 -20.83 -9.79
N PRO A 276 14.85 -21.42 -10.98
CA PRO A 276 14.88 -22.88 -11.14
C PRO A 276 16.22 -23.47 -10.73
N ILE B 1 -25.22 -12.34 12.73
CA ILE B 1 -25.29 -13.17 11.53
C ILE B 1 -24.34 -14.36 11.61
N GLN B 2 -24.28 -15.13 10.52
CA GLN B 2 -23.41 -16.29 10.47
C GLN B 2 -22.50 -16.25 9.24
N ARG B 3 -21.23 -16.60 9.43
CA ARG B 3 -20.26 -16.54 8.34
C ARG B 3 -19.54 -17.88 8.16
N THR B 4 -19.25 -18.21 6.90
CA THR B 4 -18.58 -19.46 6.57
C THR B 4 -17.08 -19.37 6.85
N PRO B 5 -16.54 -20.37 7.55
CA PRO B 5 -15.13 -20.40 7.95
C PRO B 5 -14.17 -20.67 6.79
N LYS B 6 -12.97 -20.10 6.88
CA LYS B 6 -11.90 -20.34 5.93
C LYS B 6 -10.96 -21.39 6.51
N ILE B 7 -10.56 -22.35 5.67
CA ILE B 7 -9.72 -23.45 6.11
C ILE B 7 -8.36 -23.42 5.43
N GLN B 8 -7.31 -23.19 6.21
CA GLN B 8 -5.95 -23.24 5.68
C GLN B 8 -5.11 -24.30 6.38
N VAL B 9 -4.91 -25.43 5.71
CA VAL B 9 -4.05 -26.48 6.24
C VAL B 9 -2.65 -26.35 5.65
N TYR B 10 -1.66 -26.20 6.52
CA TYR B 10 -0.29 -25.93 6.08
C TYR B 10 0.72 -26.30 7.15
N SER B 11 1.99 -26.40 6.77
CA SER B 11 3.05 -26.73 7.71
C SER B 11 3.77 -25.47 8.19
N ARG B 12 4.42 -25.57 9.35
CA ARG B 12 5.17 -24.45 9.90
C ARG B 12 6.44 -24.18 9.10
N HIS B 13 7.08 -25.25 8.65
CA HIS B 13 8.30 -25.13 7.85
C HIS B 13 8.14 -25.88 6.53
N PRO B 14 8.92 -25.49 5.51
CA PRO B 14 8.92 -26.19 4.23
C PRO B 14 9.09 -27.70 4.42
N PRO B 15 8.12 -28.49 3.94
CA PRO B 15 8.05 -29.94 4.14
C PRO B 15 9.30 -30.69 3.66
N GLU B 16 9.80 -31.59 4.50
CA GLU B 16 10.89 -32.48 4.12
C GLU B 16 10.60 -33.89 4.64
N ASN B 17 10.66 -34.87 3.75
CA ASN B 17 10.39 -36.26 4.13
C ASN B 17 11.37 -36.78 5.17
N GLY B 18 10.82 -37.27 6.29
CA GLY B 18 11.64 -37.81 7.36
C GLY B 18 12.00 -36.77 8.39
N LYS B 19 11.77 -35.51 8.07
CA LYS B 19 12.09 -34.41 8.98
C LYS B 19 10.84 -33.96 9.75
N PRO B 20 10.94 -33.92 11.08
CA PRO B 20 9.81 -33.51 11.94
C PRO B 20 9.33 -32.10 11.61
N ASN B 21 8.04 -31.85 11.84
CA ASN B 21 7.41 -30.59 11.49
C ASN B 21 6.08 -30.42 12.22
N PHE B 22 5.44 -29.28 12.02
CA PHE B 22 4.20 -28.96 12.72
C PHE B 22 3.04 -28.75 11.76
N LEU B 23 2.03 -29.62 11.87
CA LEU B 23 0.83 -29.50 11.04
C LEU B 23 -0.14 -28.50 11.64
N ASN B 24 -0.58 -27.55 10.81
CA ASN B 24 -1.45 -26.47 11.25
C ASN B 24 -2.73 -26.37 10.43
N CYS B 25 -3.82 -26.06 11.11
CA CYS B 25 -5.11 -25.81 10.47
C CYS B 25 -5.66 -24.50 10.99
N TYR B 26 -5.63 -23.48 10.14
CA TYR B 26 -6.09 -22.14 10.49
C TYR B 26 -7.50 -21.91 9.94
N VAL B 27 -8.48 -21.87 10.84
CA VAL B 27 -9.86 -21.65 10.46
C VAL B 27 -10.26 -20.24 10.88
N SER B 28 -10.68 -19.42 9.92
CA SER B 28 -10.97 -18.02 10.22
C SER B 28 -12.33 -17.54 9.69
N GLY B 29 -12.59 -16.25 9.88
CA GLY B 29 -13.81 -15.61 9.37
C GLY B 29 -15.08 -16.43 9.51
N PHE B 30 -15.35 -16.92 10.72
CA PHE B 30 -16.56 -17.69 10.96
C PHE B 30 -17.37 -17.15 12.13
N HIS B 31 -18.68 -17.40 12.10
CA HIS B 31 -19.58 -16.95 13.15
C HIS B 31 -20.85 -17.78 13.10
N PRO B 32 -21.34 -18.23 14.27
CA PRO B 32 -20.79 -17.95 15.60
C PRO B 32 -19.50 -18.72 15.87
N SER B 33 -19.03 -18.67 17.12
CA SER B 33 -17.76 -19.27 17.50
C SER B 33 -17.81 -20.79 17.58
N ASP B 34 -19.00 -21.34 17.81
CA ASP B 34 -19.18 -22.78 17.88
C ASP B 34 -18.71 -23.45 16.59
N ILE B 35 -17.67 -24.28 16.70
CA ILE B 35 -17.09 -24.94 15.54
C ILE B 35 -16.22 -26.11 15.95
N GLU B 36 -16.20 -27.16 15.13
CA GLU B 36 -15.36 -28.32 15.41
C GLU B 36 -14.28 -28.50 14.35
N VAL B 37 -13.04 -28.69 14.80
CA VAL B 37 -11.92 -28.88 13.90
C VAL B 37 -11.11 -30.12 14.27
N ASP B 38 -10.81 -30.94 13.27
CA ASP B 38 -10.04 -32.16 13.49
C ASP B 38 -8.93 -32.34 12.46
N LEU B 39 -7.74 -32.67 12.93
CA LEU B 39 -6.63 -32.97 12.03
C LEU B 39 -6.59 -34.47 11.76
N LEU B 40 -6.66 -34.83 10.48
CA LEU B 40 -6.77 -36.23 10.08
C LEU B 40 -5.52 -36.72 9.36
N LYS B 41 -5.11 -37.95 9.69
CA LYS B 41 -4.02 -38.61 8.98
C LYS B 41 -4.51 -39.89 8.37
N ASN B 42 -4.61 -39.91 7.04
CA ASN B 42 -5.12 -41.08 6.32
C ASN B 42 -6.58 -41.37 6.65
N GLY B 43 -7.35 -40.32 6.90
CA GLY B 43 -8.78 -40.46 7.16
C GLY B 43 -9.12 -40.64 8.63
N GLU B 44 -8.11 -40.91 9.45
CA GLU B 44 -8.32 -41.12 10.87
C GLU B 44 -7.83 -39.95 11.71
N LYS B 45 -8.60 -39.58 12.73
CA LYS B 45 -8.23 -38.48 13.61
C LYS B 45 -6.85 -38.67 14.22
N MET B 46 -6.10 -37.59 14.32
CA MET B 46 -4.75 -37.64 14.86
C MET B 46 -4.75 -37.80 16.37
N GLY B 47 -3.63 -38.24 16.92
CA GLY B 47 -3.54 -38.57 18.34
C GLY B 47 -3.52 -37.39 19.29
N LYS B 48 -2.79 -36.34 18.93
CA LYS B 48 -2.63 -35.20 19.82
C LYS B 48 -2.84 -33.88 19.10
N VAL B 49 -4.07 -33.36 19.18
CA VAL B 49 -4.41 -32.12 18.50
C VAL B 49 -4.92 -31.06 19.48
N GLU B 50 -4.11 -30.01 19.66
CA GLU B 50 -4.49 -28.90 20.52
C GLU B 50 -4.81 -27.67 19.67
N HIS B 51 -5.36 -26.64 20.29
CA HIS B 51 -5.73 -25.43 19.55
C HIS B 51 -5.46 -24.16 20.35
N SER B 52 -5.34 -23.04 19.63
CA SER B 52 -5.10 -21.75 20.26
C SER B 52 -6.37 -21.21 20.92
N ASP B 53 -6.23 -20.10 21.62
CA ASP B 53 -7.36 -19.49 22.33
C ASP B 53 -8.24 -18.68 21.38
N LEU B 54 -9.54 -18.79 21.56
CA LEU B 54 -10.50 -18.12 20.68
C LEU B 54 -10.29 -16.60 20.63
N SER B 55 -10.23 -16.07 19.42
CA SER B 55 -10.08 -14.64 19.22
C SER B 55 -10.83 -14.22 17.95
N PHE B 56 -10.96 -12.92 17.72
CA PHE B 56 -11.69 -12.42 16.56
C PHE B 56 -10.95 -11.32 15.83
N SER B 57 -11.40 -11.00 14.62
CA SER B 57 -10.80 -9.96 13.80
C SER B 57 -11.56 -8.65 13.94
N LYS B 58 -11.27 -7.71 13.04
CA LYS B 58 -11.90 -6.40 13.07
C LYS B 58 -13.37 -6.46 12.65
N ASP B 59 -13.72 -7.48 11.86
CA ASP B 59 -15.09 -7.67 11.43
C ASP B 59 -15.83 -8.62 12.36
N TRP B 60 -15.24 -8.87 13.53
CA TRP B 60 -15.87 -9.68 14.58
C TRP B 60 -15.87 -11.18 14.27
N SER B 61 -15.32 -11.54 13.11
CA SER B 61 -15.23 -12.95 12.74
C SER B 61 -14.13 -13.65 13.53
N PHE B 62 -14.44 -14.82 14.07
CA PHE B 62 -13.49 -15.56 14.90
C PHE B 62 -12.42 -16.27 14.09
N TYR B 63 -11.32 -16.62 14.75
CA TYR B 63 -10.25 -17.40 14.11
C TYR B 63 -9.57 -18.32 15.13
N LEU B 64 -9.23 -19.52 14.68
CA LEU B 64 -8.59 -20.51 15.54
C LEU B 64 -7.49 -21.27 14.80
N LEU B 65 -6.53 -21.78 15.57
CA LEU B 65 -5.44 -22.55 14.99
C LEU B 65 -5.28 -23.91 15.68
N TYR B 66 -5.67 -24.96 14.98
CA TYR B 66 -5.51 -26.32 15.51
C TYR B 66 -4.22 -26.94 15.00
N TYR B 67 -3.34 -27.34 15.91
CA TYR B 67 -2.00 -27.78 15.52
C TYR B 67 -1.62 -29.15 16.10
N THR B 68 -0.64 -29.78 15.47
CA THR B 68 -0.11 -31.05 15.95
C THR B 68 1.31 -31.25 15.43
N GLU B 69 1.99 -32.30 15.91
CA GLU B 69 3.33 -32.62 15.44
C GLU B 69 3.27 -33.79 14.45
N PHE B 70 3.87 -33.61 13.29
CA PHE B 70 3.85 -34.65 12.26
C PHE B 70 5.16 -34.69 11.48
N THR B 71 5.45 -35.84 10.88
CA THR B 71 6.64 -35.98 10.04
C THR B 71 6.23 -36.33 8.62
N PRO B 72 6.32 -35.34 7.72
CA PRO B 72 5.88 -35.45 6.32
C PRO B 72 6.53 -36.60 5.56
N ASN B 73 5.73 -37.27 4.73
CA ASN B 73 6.24 -38.32 3.84
C ASN B 73 5.48 -38.33 2.53
N GLU B 74 5.57 -39.43 1.79
CA GLU B 74 4.94 -39.51 0.47
C GLU B 74 3.91 -40.64 0.40
N LYS B 75 3.66 -41.28 1.54
CA LYS B 75 2.69 -42.37 1.58
C LYS B 75 1.43 -41.95 2.34
N ASP B 76 1.57 -40.99 3.22
CA ASP B 76 0.46 -40.57 4.09
C ASP B 76 -0.21 -39.29 3.62
N GLU B 77 -1.51 -39.20 3.87
CA GLU B 77 -2.27 -38.01 3.55
C GLU B 77 -2.73 -37.31 4.83
N TYR B 78 -2.66 -35.99 4.83
CA TYR B 78 -3.12 -35.20 5.97
C TYR B 78 -4.24 -34.26 5.53
N ALA B 79 -5.23 -34.06 6.40
CA ALA B 79 -6.36 -33.21 6.05
C ALA B 79 -6.93 -32.49 7.27
N CYS B 80 -7.78 -31.50 7.01
CA CYS B 80 -8.44 -30.75 8.08
C CYS B 80 -9.96 -30.81 7.91
N ARG B 81 -10.63 -31.39 8.89
CA ARG B 81 -12.08 -31.51 8.86
C ARG B 81 -12.73 -30.46 9.75
N VAL B 82 -13.78 -29.81 9.24
CA VAL B 82 -14.43 -28.73 9.97
C VAL B 82 -15.95 -28.84 9.93
N ASN B 83 -16.57 -28.88 11.11
CA ASN B 83 -18.02 -28.84 11.22
C ASN B 83 -18.49 -27.51 11.80
N HIS B 84 -19.43 -26.88 11.11
CA HIS B 84 -19.97 -25.59 11.52
C HIS B 84 -21.44 -25.49 11.15
N VAL B 85 -22.14 -24.55 11.78
CA VAL B 85 -23.58 -24.37 11.54
C VAL B 85 -23.84 -23.88 10.12
N THR B 86 -22.87 -23.17 9.54
CA THR B 86 -23.01 -22.64 8.19
C THR B 86 -22.64 -23.68 7.13
N LEU B 87 -22.12 -24.82 7.59
CA LEU B 87 -21.69 -25.87 6.68
C LEU B 87 -22.65 -27.05 6.70
N SER B 88 -23.17 -27.41 5.53
CA SER B 88 -24.01 -28.59 5.39
C SER B 88 -23.14 -29.83 5.28
N GLY B 89 -22.80 -30.40 6.44
CA GLY B 89 -21.88 -31.53 6.49
C GLY B 89 -20.47 -31.06 6.74
N PRO B 90 -19.59 -31.98 7.17
CA PRO B 90 -18.20 -31.65 7.48
C PRO B 90 -17.39 -31.36 6.22
N ARG B 91 -16.63 -30.27 6.22
CA ARG B 91 -15.75 -29.95 5.11
C ARG B 91 -14.34 -30.44 5.38
N THR B 92 -13.75 -31.11 4.40
CA THR B 92 -12.41 -31.64 4.55
C THR B 92 -11.45 -31.06 3.53
N VAL B 93 -10.37 -30.44 4.02
CA VAL B 93 -9.36 -29.85 3.15
C VAL B 93 -8.03 -30.56 3.30
N LYS B 94 -7.64 -31.30 2.26
CA LYS B 94 -6.38 -32.03 2.25
C LYS B 94 -5.20 -31.08 2.31
N TRP B 95 -4.11 -31.51 2.95
CA TRP B 95 -2.89 -30.71 3.01
C TRP B 95 -2.06 -30.87 1.76
N ASP B 96 -1.90 -29.78 1.01
CA ASP B 96 -1.07 -29.80 -0.19
C ASP B 96 0.24 -29.08 0.11
N ARG B 97 1.35 -29.80 -0.02
CA ARG B 97 2.66 -29.23 0.29
C ARG B 97 3.08 -28.16 -0.71
N ASP B 98 2.17 -27.81 -1.61
CA ASP B 98 2.39 -26.71 -2.55
C ASP B 98 1.69 -25.46 -2.07
N MET B 99 0.87 -25.61 -1.02
CA MET B 99 0.11 -24.49 -0.47
C MET B 99 0.26 -24.43 1.04
N ILE C 1 -2.89 -3.00 32.00
CA ILE C 1 -3.33 -4.38 32.10
C ILE C 1 -4.80 -4.42 31.78
N ARG C 2 -5.53 -5.41 32.22
CA ARG C 2 -6.97 -5.37 31.98
C ARG C 2 -7.60 -4.11 32.55
N TYR C 3 -8.82 -3.82 32.12
CA TYR C 3 -9.55 -2.66 32.61
C TYR C 3 -10.21 -2.96 33.95
N PRO C 4 -9.84 -2.19 34.99
CA PRO C 4 -10.41 -2.36 36.33
C PRO C 4 -11.82 -1.79 36.42
N LYS C 5 -12.81 -2.65 36.67
CA LYS C 5 -14.18 -2.20 36.79
C LYS C 5 -14.43 -1.55 38.14
N THR C 6 -14.80 -0.28 38.13
CA THR C 6 -15.12 0.44 39.37
C THR C 6 -16.62 0.60 39.54
N PHE C 7 -17.29 1.05 38.49
CA PHE C 7 -18.74 1.21 38.53
C PHE C 7 -19.42 0.22 37.60
N GLY C 8 -18.78 -0.07 36.48
CA GLY C 8 -19.31 -1.02 35.51
C GLY C 8 -19.73 -0.38 34.21
N TRP C 9 -19.95 -1.19 33.19
CA TRP C 9 -20.38 -0.70 31.89
C TRP C 9 -21.62 -1.45 31.40
N LEU C 10 -22.60 -1.56 32.28
CA LEU C 10 -23.85 -2.25 31.96
C LEU C 10 -24.54 -1.64 30.74
N TRP C 11 -25.04 -2.49 29.85
CA TRP C 11 -25.76 -2.03 28.68
C TRP C 11 -27.15 -1.53 29.04
N GLY D 1 16.55 3.42 -1.45
CA GLY D 1 17.08 2.08 -1.52
C GLY D 1 17.12 1.54 -2.94
N SER D 2 15.95 1.39 -3.54
CA SER D 2 15.86 0.92 -4.92
C SER D 2 15.92 2.09 -5.89
N HIS D 3 17.11 2.34 -6.43
CA HIS D 3 17.31 3.47 -7.32
C HIS D 3 17.16 3.08 -8.79
N SER D 4 16.81 4.05 -9.62
CA SER D 4 16.56 3.81 -11.04
C SER D 4 16.98 5.00 -11.89
N MET D 5 17.38 4.72 -13.13
CA MET D 5 17.71 5.79 -14.07
C MET D 5 16.98 5.55 -15.40
N LYS D 6 16.27 6.57 -15.87
CA LYS D 6 15.47 6.43 -17.08
C LYS D 6 15.59 7.63 -18.02
N TYR D 7 15.69 7.34 -19.31
CA TYR D 7 15.70 8.37 -20.33
C TYR D 7 14.41 8.33 -21.15
N PHE D 8 13.91 9.52 -21.47
CA PHE D 8 12.68 9.68 -22.23
C PHE D 8 12.94 10.48 -23.50
N TYR D 9 12.64 9.87 -24.65
CA TYR D 9 12.77 10.55 -25.93
C TYR D 9 11.40 10.84 -26.53
N THR D 10 11.22 12.08 -26.99
CA THR D 10 9.98 12.47 -27.67
C THR D 10 10.29 13.11 -29.01
N SER D 11 9.87 12.44 -30.08
CA SER D 11 10.10 12.94 -31.43
C SER D 11 8.77 13.25 -32.11
N VAL D 12 8.57 14.53 -32.45
CA VAL D 12 7.34 14.96 -33.08
C VAL D 12 7.58 15.55 -34.46
N SER D 13 7.16 14.83 -35.50
CA SER D 13 7.30 15.31 -36.87
C SER D 13 6.39 16.51 -37.11
N ARG D 14 6.92 17.52 -37.78
CA ARG D 14 6.17 18.74 -38.05
C ARG D 14 6.27 19.14 -39.52
N PRO D 15 5.29 18.69 -40.34
CA PRO D 15 5.24 18.96 -41.78
C PRO D 15 5.28 20.44 -42.09
N GLY D 16 6.21 20.85 -42.95
CA GLY D 16 6.32 22.24 -43.37
C GLY D 16 7.24 23.06 -42.47
N ARG D 17 7.81 22.42 -41.47
CA ARG D 17 8.71 23.10 -40.53
C ARG D 17 10.04 22.39 -40.38
N GLY D 18 10.50 21.75 -41.45
CA GLY D 18 11.79 21.09 -41.46
C GLY D 18 11.86 19.85 -40.59
N GLU D 19 12.96 19.74 -39.85
CA GLU D 19 13.20 18.57 -39.00
C GLU D 19 12.25 18.51 -37.81
N PRO D 20 11.95 17.29 -37.34
CA PRO D 20 11.04 17.06 -36.21
C PRO D 20 11.59 17.61 -34.90
N ARG D 21 10.69 17.89 -33.95
CA ARG D 21 11.08 18.34 -32.63
C ARG D 21 11.54 17.16 -31.78
N PHE D 22 12.71 17.29 -31.17
CA PHE D 22 13.27 16.19 -30.37
C PHE D 22 13.56 16.64 -28.94
N ILE D 23 12.76 16.15 -28.00
CA ILE D 23 12.95 16.49 -26.59
C ILE D 23 13.19 15.25 -25.74
N SER D 24 14.37 15.17 -25.14
CA SER D 24 14.73 14.02 -24.30
C SER D 24 15.15 14.46 -22.90
N VAL D 25 14.75 13.68 -21.90
CA VAL D 25 15.08 14.01 -20.51
C VAL D 25 15.65 12.80 -19.76
N GLY D 26 16.53 13.08 -18.81
CA GLY D 26 17.14 12.04 -18.00
C GLY D 26 16.75 12.14 -16.54
N TYR D 27 16.39 11.01 -15.95
CA TYR D 27 15.89 10.97 -14.57
C TYR D 27 16.62 9.96 -13.70
N VAL D 28 17.01 10.40 -12.52
CA VAL D 28 17.45 9.49 -11.46
C VAL D 28 16.31 9.42 -10.45
N ASP D 29 15.64 8.28 -10.41
CA ASP D 29 14.42 8.14 -9.62
C ASP D 29 13.39 9.19 -10.05
N ASP D 30 13.13 10.16 -9.17
CA ASP D 30 12.18 11.22 -9.47
C ASP D 30 12.87 12.58 -9.60
N THR D 31 14.14 12.57 -10.01
CA THR D 31 14.89 13.81 -10.15
C THR D 31 15.55 13.93 -11.52
N GLN D 32 15.11 14.91 -12.30
CA GLN D 32 15.68 15.17 -13.62
C GLN D 32 17.09 15.76 -13.49
N PHE D 33 18.01 15.29 -14.31
CA PHE D 33 19.40 15.74 -14.21
C PHE D 33 20.00 16.18 -15.55
N VAL D 34 19.40 15.73 -16.65
CA VAL D 34 19.86 16.12 -17.97
C VAL D 34 18.71 16.47 -18.90
N ARG D 35 19.04 17.07 -20.05
CA ARG D 35 18.03 17.57 -20.97
C ARG D 35 18.63 17.85 -22.34
N PHE D 36 17.94 17.39 -23.39
CA PHE D 36 18.36 17.65 -24.76
C PHE D 36 17.18 18.11 -25.61
N ASP D 37 17.28 19.32 -26.13
CA ASP D 37 16.21 19.89 -26.94
C ASP D 37 16.74 20.34 -28.30
N SER D 38 16.13 19.84 -29.37
CA SER D 38 16.56 20.17 -30.72
C SER D 38 16.23 21.63 -31.06
N ASP D 39 15.28 22.20 -30.34
CA ASP D 39 14.87 23.59 -30.56
C ASP D 39 15.56 24.56 -29.60
N ALA D 40 16.55 24.06 -28.88
CA ALA D 40 17.38 24.92 -28.04
C ALA D 40 18.31 25.72 -28.95
N GLU D 41 18.67 26.92 -28.52
CA GLU D 41 19.49 27.81 -29.35
C GLU D 41 20.84 27.20 -29.69
N SER D 42 21.31 26.28 -28.85
CA SER D 42 22.55 25.56 -29.09
C SER D 42 22.40 24.10 -28.65
N PRO D 43 21.69 23.29 -29.45
CA PRO D 43 21.35 21.90 -29.13
C PRO D 43 22.50 21.13 -28.50
N ARG D 44 22.31 20.70 -27.26
CA ARG D 44 23.34 19.98 -26.52
C ARG D 44 22.79 19.45 -25.20
N GLU D 45 23.37 18.36 -24.71
CA GLU D 45 23.01 17.84 -23.40
C GLU D 45 23.34 18.87 -22.34
N GLU D 46 22.32 19.31 -21.60
CA GLU D 46 22.51 20.34 -20.59
C GLU D 46 22.24 19.84 -19.17
N PRO D 47 22.97 20.39 -18.20
CA PRO D 47 22.78 20.07 -16.78
C PRO D 47 21.39 20.47 -16.31
N ARG D 48 20.80 19.67 -15.45
CA ARG D 48 19.48 19.97 -14.89
C ARG D 48 19.49 19.74 -13.39
N ALA D 49 20.66 19.38 -12.87
CA ALA D 49 20.85 19.18 -11.44
C ALA D 49 22.25 19.62 -11.02
N PRO D 50 22.37 20.24 -9.85
CA PRO D 50 23.65 20.75 -9.36
C PRO D 50 24.71 19.66 -9.20
N TRP D 51 24.29 18.42 -9.03
CA TRP D 51 25.21 17.32 -8.77
C TRP D 51 25.67 16.59 -10.03
N VAL D 52 25.51 17.22 -11.18
CA VAL D 52 25.92 16.62 -12.45
C VAL D 52 26.65 17.63 -13.33
N GLU D 53 26.66 18.89 -12.91
CA GLU D 53 27.38 19.93 -13.64
C GLU D 53 28.88 19.68 -13.58
N GLN D 54 29.33 18.99 -12.54
CA GLN D 54 30.76 18.75 -12.33
C GLN D 54 31.38 17.93 -13.46
N GLU D 55 30.53 17.24 -14.23
CA GLU D 55 31.02 16.42 -15.32
C GLU D 55 31.80 17.22 -16.37
N GLY D 56 33.02 16.77 -16.66
CA GLY D 56 33.88 17.48 -17.60
C GLY D 56 33.30 17.53 -19.00
N PRO D 57 33.92 18.32 -19.89
CA PRO D 57 33.47 18.52 -21.28
C PRO D 57 33.18 17.22 -22.00
N GLU D 58 34.05 16.22 -21.82
CA GLU D 58 33.91 14.94 -22.49
C GLU D 58 32.53 14.32 -22.29
N TYR D 59 32.05 14.39 -21.06
CA TYR D 59 30.74 13.84 -20.71
C TYR D 59 29.63 14.48 -21.53
N TRP D 60 29.65 15.81 -21.60
CA TRP D 60 28.61 16.55 -22.31
C TRP D 60 28.70 16.39 -23.82
N GLU D 61 29.93 16.29 -24.33
CA GLU D 61 30.14 16.08 -25.76
C GLU D 61 29.63 14.71 -26.18
N GLU D 62 30.01 13.69 -25.41
CA GLU D 62 29.57 12.33 -25.67
C GLU D 62 28.05 12.23 -25.59
N ALA D 63 27.50 12.76 -24.50
CA ALA D 63 26.06 12.76 -24.28
C ALA D 63 25.33 13.43 -25.43
N THR D 64 25.85 14.57 -25.88
CA THR D 64 25.28 15.28 -27.02
C THR D 64 25.31 14.41 -28.26
N ARG D 65 26.45 13.76 -28.49
CA ARG D 65 26.60 12.87 -29.64
C ARG D 65 25.51 11.80 -29.65
N ARG D 66 25.44 11.04 -28.56
CA ARG D 66 24.46 9.96 -28.44
C ARG D 66 23.04 10.49 -28.59
N ALA D 67 22.78 11.67 -28.03
CA ALA D 67 21.47 12.29 -28.13
C ALA D 67 21.09 12.54 -29.58
N LYS D 68 21.97 13.21 -30.32
CA LYS D 68 21.72 13.52 -31.72
C LYS D 68 21.56 12.25 -32.56
N GLU D 69 22.42 11.28 -32.32
CA GLU D 69 22.32 10.01 -33.02
C GLU D 69 20.94 9.39 -32.81
N ALA D 70 20.52 9.35 -31.55
CA ALA D 70 19.19 8.86 -31.21
C ALA D 70 18.12 9.63 -31.96
N ALA D 71 18.32 10.95 -32.08
CA ALA D 71 17.38 11.80 -32.81
C ALA D 71 17.25 11.34 -34.25
N GLN D 72 18.37 11.23 -34.94
CA GLN D 72 18.38 10.78 -36.33
C GLN D 72 17.67 9.44 -36.46
N THR D 73 18.00 8.50 -35.57
CA THR D 73 17.37 7.19 -35.58
C THR D 73 15.86 7.30 -35.48
N HIS D 74 15.37 8.08 -34.51
CA HIS D 74 13.94 8.28 -34.33
C HIS D 74 13.32 8.92 -35.56
N ARG D 75 14.11 9.70 -36.30
CA ARG D 75 13.66 10.33 -37.53
C ARG D 75 13.40 9.25 -38.58
N GLU D 76 14.41 8.45 -38.85
CA GLU D 76 14.28 7.35 -39.79
C GLU D 76 13.11 6.46 -39.39
N ASN D 77 12.89 6.32 -38.09
CA ASN D 77 11.77 5.54 -37.57
C ASN D 77 10.44 6.22 -37.84
N LEU D 78 10.45 7.55 -37.89
CA LEU D 78 9.26 8.31 -38.24
C LEU D 78 8.91 8.05 -39.69
N ARG D 79 9.89 8.12 -40.57
CA ARG D 79 9.68 7.83 -41.98
C ARG D 79 9.18 6.40 -42.20
N THR D 80 9.94 5.44 -41.68
CA THR D 80 9.58 4.04 -41.77
C THR D 80 8.18 3.81 -41.22
N ALA D 81 7.83 4.56 -40.17
CA ALA D 81 6.50 4.49 -39.60
C ALA D 81 5.48 4.98 -40.62
N LEU D 82 5.81 6.04 -41.33
CA LEU D 82 4.96 6.55 -42.40
C LEU D 82 4.75 5.46 -43.45
N ARG D 83 5.76 4.64 -43.67
CA ARG D 83 5.61 3.51 -44.60
C ARG D 83 4.68 2.44 -44.07
N TYR D 84 4.99 1.92 -42.88
CA TYR D 84 4.22 0.81 -42.29
C TYR D 84 2.73 1.08 -42.25
N TYR D 85 2.33 2.19 -41.63
CA TYR D 85 0.91 2.51 -41.51
C TYR D 85 0.38 3.23 -42.76
N ASN D 86 1.25 3.37 -43.75
CA ASN D 86 0.88 4.01 -45.02
C ASN D 86 0.23 5.37 -44.78
N GLN D 87 0.99 6.28 -44.18
CA GLN D 87 0.47 7.61 -43.85
C GLN D 87 1.13 8.70 -44.69
N SER D 88 0.56 9.90 -44.64
CA SER D 88 1.03 11.01 -45.45
C SER D 88 2.11 11.83 -44.76
N GLU D 89 2.84 12.62 -45.54
CA GLU D 89 3.88 13.49 -45.00
C GLU D 89 3.30 14.74 -44.37
N ALA D 90 2.03 15.03 -44.68
CA ALA D 90 1.38 16.25 -44.19
C ALA D 90 0.86 16.11 -42.77
N GLY D 91 0.98 14.90 -42.21
CA GLY D 91 0.49 14.64 -40.87
C GLY D 91 1.57 14.67 -39.82
N SER D 92 1.22 15.12 -38.63
CA SER D 92 2.16 15.16 -37.51
C SER D 92 2.05 13.89 -36.67
N HIS D 93 3.18 13.22 -36.47
CA HIS D 93 3.21 11.98 -35.71
C HIS D 93 4.28 12.02 -34.62
N THR D 94 4.12 11.15 -33.62
CA THR D 94 5.00 11.17 -32.46
C THR D 94 5.56 9.79 -32.12
N ILE D 95 6.87 9.74 -31.86
CA ILE D 95 7.51 8.53 -31.37
C ILE D 95 8.10 8.80 -29.99
N GLN D 96 7.66 8.04 -29.01
CA GLN D 96 8.14 8.19 -27.64
C GLN D 96 8.93 6.94 -27.23
N LYS D 97 9.93 7.11 -26.38
CA LYS D 97 10.75 5.99 -25.94
C LYS D 97 11.32 6.16 -24.54
N MET D 98 10.93 5.28 -23.63
CA MET D 98 11.46 5.28 -22.28
C MET D 98 12.35 4.07 -22.06
N TYR D 99 13.55 4.29 -21.54
CA TYR D 99 14.45 3.17 -21.26
C TYR D 99 15.36 3.47 -20.06
N GLY D 100 15.54 2.48 -19.19
CA GLY D 100 16.35 2.69 -18.01
C GLY D 100 16.84 1.44 -17.31
N CYS D 101 17.57 1.64 -16.21
CA CYS D 101 18.09 0.54 -15.40
C CYS D 101 17.68 0.72 -13.94
N ASP D 102 17.52 -0.40 -13.24
CA ASP D 102 17.23 -0.37 -11.81
C ASP D 102 18.35 -1.04 -11.03
N LEU D 103 19.00 -0.26 -10.16
CA LEU D 103 20.10 -0.78 -9.35
C LEU D 103 19.58 -1.67 -8.23
N GLY D 104 20.01 -2.94 -8.26
CA GLY D 104 19.60 -3.90 -7.26
C GLY D 104 20.28 -3.67 -5.93
N PRO D 105 19.78 -4.35 -4.88
CA PRO D 105 20.33 -4.21 -3.52
C PRO D 105 21.73 -4.80 -3.40
N ASP D 106 22.10 -5.66 -4.35
CA ASP D 106 23.42 -6.28 -4.34
C ASP D 106 24.33 -5.69 -5.41
N GLY D 107 23.94 -4.54 -5.95
CA GLY D 107 24.73 -3.84 -6.95
C GLY D 107 24.55 -4.38 -8.35
N ARG D 108 23.72 -5.40 -8.49
CA ARG D 108 23.46 -5.99 -9.80
C ARG D 108 22.15 -5.49 -10.40
N LEU D 109 22.02 -5.64 -11.71
CA LEU D 109 20.84 -5.16 -12.42
C LEU D 109 19.56 -5.81 -11.92
N LEU D 110 18.66 -5.00 -11.36
CA LEU D 110 17.40 -5.50 -10.83
C LEU D 110 16.31 -5.48 -11.90
N ARG D 111 16.32 -4.46 -12.74
CA ARG D 111 15.29 -4.30 -13.76
C ARG D 111 15.78 -3.50 -14.97
N GLY D 112 15.17 -3.76 -16.12
CA GLY D 112 15.51 -3.06 -17.35
C GLY D 112 14.27 -2.54 -18.05
N TYR D 113 14.38 -1.34 -18.62
CA TYR D 113 13.26 -0.72 -19.33
C TYR D 113 13.66 -0.32 -20.74
N HIS D 114 12.82 -0.66 -21.70
CA HIS D 114 13.04 -0.27 -23.09
C HIS D 114 11.72 -0.40 -23.87
N GLN D 115 10.88 0.62 -23.77
CA GLN D 115 9.58 0.58 -24.43
C GLN D 115 9.32 1.84 -25.25
N SER D 116 8.65 1.68 -26.38
CA SER D 116 8.37 2.78 -27.28
C SER D 116 6.89 2.85 -27.64
N ALA D 117 6.46 4.01 -28.14
CA ALA D 117 5.07 4.20 -28.54
C ALA D 117 4.97 5.09 -29.77
N TYR D 118 4.01 4.79 -30.63
CA TYR D 118 3.77 5.58 -31.83
C TYR D 118 2.42 6.29 -31.75
N ASP D 119 2.46 7.62 -31.69
CA ASP D 119 1.26 8.44 -31.57
C ASP D 119 0.54 8.22 -30.24
N GLY D 120 1.29 7.84 -29.22
CA GLY D 120 0.74 7.69 -27.89
C GLY D 120 0.15 6.31 -27.60
N LYS D 121 0.57 5.32 -28.38
CA LYS D 121 0.10 3.95 -28.18
C LYS D 121 1.25 2.97 -28.24
N ASP D 122 1.18 1.93 -27.42
CA ASP D 122 2.21 0.90 -27.40
C ASP D 122 2.57 0.46 -28.82
N TYR D 123 3.87 0.39 -29.10
CA TYR D 123 4.36 -0.10 -30.38
C TYR D 123 5.13 -1.39 -30.19
N ILE D 124 6.34 -1.27 -29.65
CA ILE D 124 7.15 -2.43 -29.32
C ILE D 124 7.82 -2.22 -27.96
N ALA D 125 7.88 -3.27 -27.15
CA ALA D 125 8.44 -3.14 -25.81
C ALA D 125 9.27 -4.34 -25.39
N LEU D 126 10.36 -4.07 -24.66
CA LEU D 126 11.21 -5.13 -24.14
C LEU D 126 10.54 -5.82 -22.96
N ASN D 127 10.51 -7.15 -22.99
CA ASN D 127 9.89 -7.92 -21.92
C ASN D 127 10.75 -8.00 -20.66
N GLY D 128 10.15 -8.48 -19.58
CA GLY D 128 10.84 -8.58 -18.30
C GLY D 128 12.04 -9.48 -18.36
N ASP D 129 12.04 -10.42 -19.30
CA ASP D 129 13.17 -11.34 -19.46
C ASP D 129 14.35 -10.67 -20.13
N LEU D 130 14.13 -9.46 -20.65
CA LEU D 130 15.18 -8.69 -21.30
C LEU D 130 15.76 -9.43 -22.50
N ARG D 131 14.98 -10.31 -23.09
CA ARG D 131 15.44 -11.12 -24.22
C ARG D 131 14.42 -11.18 -25.36
N SER D 132 13.14 -11.10 -25.02
CA SER D 132 12.09 -11.15 -26.03
C SER D 132 11.38 -9.80 -26.17
N TRP D 133 10.68 -9.63 -27.27
CA TRP D 133 9.97 -8.38 -27.53
C TRP D 133 8.46 -8.58 -27.63
N THR D 134 7.71 -7.52 -27.34
CA THR D 134 6.26 -7.55 -27.48
C THR D 134 5.81 -6.46 -28.44
N ALA D 135 5.18 -6.88 -29.53
CA ALA D 135 4.66 -5.95 -30.53
C ALA D 135 3.16 -5.77 -30.36
N ALA D 136 2.70 -4.52 -30.43
CA ALA D 136 1.29 -4.21 -30.21
C ALA D 136 0.43 -4.52 -31.43
N ASP D 137 1.02 -4.39 -32.62
CA ASP D 137 0.28 -4.62 -33.86
C ASP D 137 1.13 -5.27 -34.94
N MET D 138 0.65 -5.20 -36.18
CA MET D 138 1.31 -5.83 -37.31
C MET D 138 2.62 -5.13 -37.65
N ALA D 139 2.59 -3.80 -37.71
CA ALA D 139 3.76 -3.02 -38.08
C ALA D 139 4.91 -3.22 -37.11
N ALA D 140 4.59 -3.33 -35.82
CA ALA D 140 5.60 -3.47 -34.79
C ALA D 140 6.30 -4.84 -34.87
N GLN D 141 5.64 -5.80 -35.48
CA GLN D 141 6.18 -7.16 -35.61
C GLN D 141 7.32 -7.19 -36.62
N ASN D 142 7.28 -6.29 -37.59
CA ASN D 142 8.38 -6.12 -38.53
C ASN D 142 9.62 -5.65 -37.78
N THR D 143 9.44 -4.59 -37.00
CA THR D 143 10.51 -4.06 -36.16
C THR D 143 11.05 -5.15 -35.24
N GLN D 144 10.14 -5.95 -34.69
CA GLN D 144 10.52 -7.07 -33.83
C GLN D 144 11.43 -8.06 -34.56
N ARG D 145 10.99 -8.47 -35.75
CA ARG D 145 11.77 -9.42 -36.54
C ARG D 145 13.15 -8.87 -36.89
N LYS D 146 13.22 -7.58 -37.21
CA LYS D 146 14.50 -6.94 -37.52
C LYS D 146 15.42 -6.91 -36.29
N TRP D 147 14.88 -6.48 -35.15
CA TRP D 147 15.63 -6.41 -33.92
C TRP D 147 16.12 -7.78 -33.47
N GLU D 148 15.34 -8.82 -33.77
CA GLU D 148 15.76 -10.18 -33.49
C GLU D 148 16.85 -10.59 -34.46
N GLY D 149 16.73 -10.16 -35.70
CA GLY D 149 17.69 -10.49 -36.74
C GLY D 149 19.06 -9.90 -36.45
N ASN D 150 19.09 -8.68 -35.90
CA ASN D 150 20.36 -8.02 -35.60
C ASN D 150 20.81 -8.21 -34.17
N ARG D 151 19.96 -8.84 -33.35
CA ARG D 151 20.29 -9.10 -31.96
C ARG D 151 20.47 -7.80 -31.17
N TYR D 152 19.41 -7.01 -31.09
CA TYR D 152 19.42 -5.72 -30.40
C TYR D 152 19.38 -5.91 -28.88
N ALA D 153 18.55 -6.86 -28.45
CA ALA D 153 18.33 -7.11 -27.03
C ALA D 153 19.63 -7.40 -26.27
N GLU D 154 20.54 -8.11 -26.93
CA GLU D 154 21.82 -8.45 -26.30
C GLU D 154 22.68 -7.21 -26.09
N ARG D 155 22.66 -6.31 -27.08
CA ARG D 155 23.40 -5.06 -26.97
C ARG D 155 22.83 -4.16 -25.88
N PHE D 156 21.52 -3.90 -25.97
CA PHE D 156 20.87 -3.04 -24.99
C PHE D 156 21.04 -3.60 -23.58
N ARG D 157 20.97 -4.93 -23.46
CA ARG D 157 21.15 -5.59 -22.18
C ARG D 157 22.58 -5.46 -21.70
N ALA D 158 23.53 -5.49 -22.64
CA ALA D 158 24.92 -5.27 -22.31
C ALA D 158 25.11 -3.86 -21.77
N TYR D 159 24.31 -2.93 -22.30
CA TYR D 159 24.31 -1.55 -21.82
C TYR D 159 23.72 -1.47 -20.41
N LEU D 160 22.65 -2.21 -20.18
CA LEU D 160 21.97 -2.23 -18.88
C LEU D 160 22.94 -2.69 -17.79
N GLU D 161 23.59 -3.82 -18.02
CA GLU D 161 24.49 -4.41 -17.03
C GLU D 161 25.81 -3.66 -16.94
N GLY D 162 26.04 -2.75 -17.89
CA GLY D 162 27.30 -2.04 -17.95
C GLY D 162 27.22 -0.57 -17.58
N GLU D 163 27.36 0.30 -18.58
CA GLU D 163 27.39 1.74 -18.37
C GLU D 163 26.25 2.27 -17.51
N CYS D 164 25.04 1.76 -17.74
CA CYS D 164 23.86 2.25 -17.04
C CYS D 164 24.03 2.16 -15.52
N LEU D 165 24.35 0.98 -15.03
CA LEU D 165 24.55 0.75 -13.61
C LEU D 165 25.73 1.54 -13.06
N GLU D 166 26.85 1.51 -13.78
CA GLU D 166 28.05 2.22 -13.35
C GLU D 166 27.76 3.70 -13.13
N TRP D 167 27.15 4.33 -14.12
CA TRP D 167 26.84 5.76 -14.06
C TRP D 167 25.71 6.06 -13.09
N LEU D 168 24.83 5.09 -12.87
CA LEU D 168 23.79 5.25 -11.87
C LEU D 168 24.41 5.32 -10.48
N ARG D 169 25.38 4.44 -10.23
CA ARG D 169 26.10 4.43 -8.97
C ARG D 169 26.93 5.70 -8.81
N ARG D 170 27.55 6.12 -9.90
CA ARG D 170 28.34 7.35 -9.91
C ARG D 170 27.47 8.55 -9.54
N TYR D 171 26.32 8.65 -10.19
CA TYR D 171 25.38 9.74 -9.92
C TYR D 171 24.91 9.71 -8.48
N LEU D 172 24.44 8.55 -8.03
CA LEU D 172 23.97 8.39 -6.66
C LEU D 172 25.04 8.82 -5.66
N GLU D 173 26.29 8.44 -5.96
CA GLU D 173 27.41 8.79 -5.08
C GLU D 173 27.68 10.29 -5.12
N ASN D 174 27.39 10.92 -6.25
CA ASN D 174 27.60 12.35 -6.41
C ASN D 174 26.49 13.20 -5.80
N GLY D 175 25.25 12.90 -6.15
CA GLY D 175 24.11 13.64 -5.62
C GLY D 175 23.45 12.93 -4.47
N LYS D 176 24.27 12.48 -3.51
CA LYS D 176 23.80 11.66 -2.40
C LYS D 176 22.77 12.38 -1.51
N GLU D 177 23.01 13.65 -1.23
CA GLU D 177 22.16 14.43 -0.34
C GLU D 177 20.75 14.69 -0.88
N THR D 178 20.56 14.52 -2.20
CA THR D 178 19.25 14.78 -2.80
C THR D 178 18.65 13.55 -3.46
N LEU D 179 19.47 12.53 -3.71
CA LEU D 179 19.00 11.30 -4.33
C LEU D 179 18.75 10.21 -3.31
N GLN D 180 19.70 10.02 -2.40
CA GLN D 180 19.59 8.99 -1.36
C GLN D 180 18.82 9.50 -0.15
N ARG D 181 18.03 10.55 -0.34
CA ARG D 181 17.25 11.14 0.74
C ARG D 181 15.82 10.61 0.75
N ALA D 182 15.08 10.97 1.79
CA ALA D 182 13.69 10.56 1.92
C ALA D 182 12.96 11.49 2.86
N ASP D 183 12.67 12.70 2.38
CA ASP D 183 12.03 13.73 3.19
C ASP D 183 10.53 13.46 3.36
N PRO D 184 10.07 13.37 4.61
CA PRO D 184 8.66 13.14 4.94
C PRO D 184 7.79 14.34 4.57
N PRO D 185 6.52 14.09 4.23
CA PRO D 185 5.59 15.15 3.83
C PRO D 185 5.04 15.95 5.00
N LYS D 186 4.92 17.25 4.83
CA LYS D 186 4.26 18.10 5.82
C LYS D 186 2.76 17.96 5.64
N THR D 187 2.11 17.35 6.61
CA THR D 187 0.68 17.05 6.50
C THR D 187 -0.17 17.92 7.41
N HIS D 188 -1.38 18.22 6.95
CA HIS D 188 -2.33 19.01 7.75
C HIS D 188 -3.71 19.02 7.11
N VAL D 189 -4.75 18.91 7.94
CA VAL D 189 -6.13 18.86 7.46
C VAL D 189 -6.80 20.23 7.50
N THR D 190 -7.51 20.57 6.43
CA THR D 190 -8.22 21.84 6.36
C THR D 190 -9.73 21.63 6.21
N HIS D 191 -10.49 22.65 6.60
CA HIS D 191 -11.95 22.56 6.60
C HIS D 191 -12.55 23.65 5.72
N HIS D 192 -13.41 23.25 4.78
CA HIS D 192 -14.00 24.20 3.84
C HIS D 192 -15.49 23.97 3.65
N PRO D 193 -16.32 24.69 4.43
CA PRO D 193 -17.78 24.58 4.39
C PRO D 193 -18.34 24.73 2.98
N VAL D 194 -19.06 23.71 2.51
CA VAL D 194 -19.73 23.77 1.22
C VAL D 194 -21.13 24.36 1.39
N SER D 195 -21.61 24.32 2.63
CA SER D 195 -22.93 24.84 2.97
C SER D 195 -23.01 25.00 4.49
N ASP D 196 -24.23 25.08 5.00
CA ASP D 196 -24.45 25.11 6.44
C ASP D 196 -24.77 23.71 6.95
N HIS D 197 -24.57 22.72 6.08
CA HIS D 197 -24.87 21.33 6.41
C HIS D 197 -23.74 20.39 5.97
N GLU D 198 -22.94 20.85 5.02
CA GLU D 198 -21.81 20.06 4.52
C GLU D 198 -20.51 20.85 4.56
N ALA D 199 -19.40 20.12 4.56
CA ALA D 199 -18.07 20.74 4.60
C ALA D 199 -17.01 19.78 4.08
N THR D 200 -16.07 20.32 3.30
CA THR D 200 -15.02 19.51 2.70
C THR D 200 -13.77 19.45 3.58
N LEU D 201 -13.34 18.23 3.90
CA LEU D 201 -12.10 18.03 4.65
C LEU D 201 -10.98 17.70 3.69
N ARG D 202 -9.90 18.48 3.76
CA ARG D 202 -8.79 18.29 2.83
C ARG D 202 -7.46 17.98 3.53
N CYS D 203 -7.00 16.75 3.37
CA CYS D 203 -5.73 16.31 3.93
C CYS D 203 -4.57 16.70 3.01
N TRP D 204 -3.61 17.44 3.58
CA TRP D 204 -2.49 17.97 2.81
C TRP D 204 -1.17 17.28 3.15
N ALA D 205 -0.43 16.93 2.10
CA ALA D 205 0.92 16.40 2.23
C ALA D 205 1.83 17.17 1.26
N LEU D 206 2.76 17.94 1.82
CA LEU D 206 3.57 18.85 1.01
C LEU D 206 5.08 18.60 1.12
N GLY D 207 5.80 18.95 0.07
CA GLY D 207 7.25 18.90 0.05
C GLY D 207 7.86 17.57 0.46
N PHE D 208 7.38 16.49 -0.14
CA PHE D 208 7.91 15.16 0.17
C PHE D 208 8.63 14.54 -1.02
N TYR D 209 9.62 13.70 -0.74
CA TYR D 209 10.36 13.00 -1.78
C TYR D 209 10.69 11.58 -1.32
N PRO D 210 10.59 10.61 -2.24
CA PRO D 210 10.22 10.81 -3.64
C PRO D 210 8.72 11.02 -3.85
N ALA D 211 8.27 10.89 -5.08
CA ALA D 211 6.86 11.14 -5.43
C ALA D 211 5.94 10.07 -4.86
N GLU D 212 6.49 8.93 -4.48
CA GLU D 212 5.71 7.84 -3.92
C GLU D 212 5.01 8.28 -2.64
N ILE D 213 3.68 8.18 -2.63
CA ILE D 213 2.89 8.64 -1.50
C ILE D 213 1.53 7.95 -1.46
N THR D 214 0.99 7.75 -0.26
CA THR D 214 -0.33 7.14 -0.11
C THR D 214 -1.24 7.99 0.78
N LEU D 215 -2.36 8.44 0.22
CA LEU D 215 -3.33 9.22 0.98
C LEU D 215 -4.73 8.62 0.87
N THR D 216 -5.34 8.36 2.03
CA THR D 216 -6.68 7.81 2.07
C THR D 216 -7.53 8.42 3.18
N TRP D 217 -8.85 8.27 3.07
CA TRP D 217 -9.76 8.74 4.10
C TRP D 217 -10.54 7.59 4.72
N GLN D 218 -10.74 7.63 6.02
CA GLN D 218 -11.50 6.60 6.71
C GLN D 218 -12.57 7.18 7.63
N ARG D 219 -13.78 6.68 7.50
CA ARG D 219 -14.89 7.09 8.35
C ARG D 219 -15.18 6.01 9.39
N ASP D 220 -14.91 6.33 10.65
CA ASP D 220 -15.06 5.37 11.74
C ASP D 220 -14.08 4.20 11.59
N GLY D 221 -12.94 4.48 10.96
CA GLY D 221 -11.89 3.48 10.80
C GLY D 221 -12.10 2.56 9.61
N GLU D 222 -12.90 3.01 8.65
CA GLU D 222 -13.18 2.22 7.46
C GLU D 222 -13.01 3.04 6.18
N GLU D 223 -12.41 2.42 5.17
CA GLU D 223 -12.10 3.11 3.92
C GLU D 223 -13.31 3.79 3.30
N GLN D 224 -13.17 5.08 3.00
CA GLN D 224 -14.26 5.85 2.40
C GLN D 224 -13.91 6.28 0.98
N THR D 225 -14.73 5.86 0.02
CA THR D 225 -14.52 6.21 -1.38
C THR D 225 -15.61 7.16 -1.86
N GLN D 226 -16.81 6.99 -1.33
CA GLN D 226 -17.94 7.83 -1.69
C GLN D 226 -17.66 9.29 -1.34
N ASP D 227 -18.03 10.19 -2.26
CA ASP D 227 -17.83 11.62 -2.05
C ASP D 227 -16.38 11.93 -1.68
N THR D 228 -15.45 11.47 -2.51
CA THR D 228 -14.02 11.68 -2.23
C THR D 228 -13.28 12.09 -3.50
N GLU D 229 -12.33 13.01 -3.35
CA GLU D 229 -11.54 13.46 -4.49
C GLU D 229 -10.04 13.41 -4.20
N PHE D 230 -9.30 12.72 -5.07
CA PHE D 230 -7.85 12.62 -4.95
C PHE D 230 -7.17 13.20 -6.19
N VAL D 231 -6.43 14.28 -6.01
CA VAL D 231 -5.71 14.90 -7.11
C VAL D 231 -4.38 14.20 -7.36
N GLU D 232 -3.95 14.22 -8.62
CA GLU D 232 -2.70 13.58 -9.02
C GLU D 232 -1.51 14.24 -8.33
N THR D 233 -0.53 13.43 -7.93
CA THR D 233 0.68 13.94 -7.30
C THR D 233 1.35 15.00 -8.19
N ARG D 234 1.66 16.14 -7.60
CA ARG D 234 2.19 17.26 -8.37
C ARG D 234 3.52 17.75 -7.79
N PRO D 235 4.42 18.23 -8.65
CA PRO D 235 5.73 18.74 -8.24
C PRO D 235 5.63 20.15 -7.67
N GLY D 236 6.51 20.48 -6.72
CA GLY D 236 6.52 21.79 -6.11
C GLY D 236 7.33 22.79 -6.92
N GLY D 237 8.13 22.28 -7.86
CA GLY D 237 8.97 23.12 -8.69
C GLY D 237 10.33 23.36 -8.08
N ASP D 238 10.55 22.78 -6.90
CA ASP D 238 11.81 22.92 -6.20
C ASP D 238 12.45 21.56 -5.94
N GLY D 239 11.99 20.55 -6.65
CA GLY D 239 12.52 19.20 -6.52
C GLY D 239 11.70 18.36 -5.55
N THR D 240 10.58 18.89 -5.09
CA THR D 240 9.72 18.17 -4.16
C THR D 240 8.37 17.85 -4.79
N PHE D 241 7.51 17.18 -4.03
CA PHE D 241 6.18 16.82 -4.50
C PHE D 241 5.12 17.12 -3.45
N GLN D 242 3.87 17.20 -3.89
CA GLN D 242 2.76 17.47 -2.98
C GLN D 242 1.47 16.84 -3.49
N LYS D 243 0.52 16.61 -2.57
CA LYS D 243 -0.72 15.93 -2.90
C LYS D 243 -1.71 16.08 -1.76
N TRP D 244 -2.99 16.20 -2.10
CA TRP D 244 -4.04 16.30 -1.07
C TRP D 244 -5.25 15.45 -1.42
N GLY D 245 -6.01 15.08 -0.39
CA GLY D 245 -7.21 14.28 -0.59
C GLY D 245 -8.39 14.85 0.17
N ALA D 246 -9.52 15.00 -0.50
CA ALA D 246 -10.68 15.65 0.11
C ALA D 246 -11.89 14.74 0.23
N VAL D 247 -12.69 14.97 1.26
CA VAL D 247 -13.94 14.24 1.47
C VAL D 247 -15.06 15.18 1.88
N VAL D 248 -16.22 15.03 1.26
CA VAL D 248 -17.39 15.83 1.61
C VAL D 248 -18.10 15.22 2.81
N VAL D 249 -18.12 15.95 3.92
CA VAL D 249 -18.62 15.43 5.19
C VAL D 249 -19.80 16.24 5.72
N PRO D 250 -20.82 15.54 6.25
CA PRO D 250 -21.95 16.21 6.91
C PRO D 250 -21.48 16.98 8.14
N SER D 251 -22.07 18.14 8.38
CA SER D 251 -21.70 18.97 9.51
C SER D 251 -22.02 18.26 10.83
N GLY D 252 -20.98 18.02 11.62
CA GLY D 252 -21.16 17.36 12.91
C GLY D 252 -20.50 15.99 12.98
N GLU D 253 -20.03 15.50 11.83
CA GLU D 253 -19.38 14.20 11.77
C GLU D 253 -17.90 14.32 11.42
N GLU D 254 -17.39 15.55 11.39
CA GLU D 254 -16.00 15.79 11.03
C GLU D 254 -15.02 14.94 11.83
N GLN D 255 -15.30 14.76 13.12
CA GLN D 255 -14.39 14.06 14.02
C GLN D 255 -14.32 12.56 13.77
N ARG D 256 -15.28 12.03 13.02
CA ARG D 256 -15.30 10.60 12.70
C ARG D 256 -14.52 10.29 11.43
N TYR D 257 -13.75 11.27 10.96
CA TYR D 257 -12.96 11.10 9.75
C TYR D 257 -11.46 11.21 10.03
N THR D 258 -10.70 10.23 9.54
CA THR D 258 -9.26 10.22 9.73
C THR D 258 -8.53 10.11 8.40
N CYS D 259 -7.42 10.84 8.28
CA CYS D 259 -6.60 10.81 7.08
C CYS D 259 -5.42 9.86 7.28
N HIS D 260 -5.03 9.16 6.22
CA HIS D 260 -3.94 8.20 6.31
C HIS D 260 -2.89 8.44 5.22
N VAL D 261 -1.65 8.59 5.65
CA VAL D 261 -0.55 8.89 4.74
C VAL D 261 0.62 7.93 4.93
N GLN D 262 0.99 7.24 3.85
CA GLN D 262 2.15 6.36 3.87
C GLN D 262 3.24 6.87 2.93
N HIS D 263 4.41 7.13 3.49
CA HIS D 263 5.54 7.64 2.72
C HIS D 263 6.85 7.02 3.21
N GLU D 264 7.84 6.98 2.34
CA GLU D 264 9.14 6.40 2.66
C GLU D 264 9.87 7.19 3.74
N GLY D 265 9.59 8.49 3.81
CA GLY D 265 10.25 9.36 4.76
C GLY D 265 9.62 9.35 6.15
N LEU D 266 8.51 8.63 6.29
CA LEU D 266 7.82 8.54 7.57
C LEU D 266 8.15 7.23 8.29
N PRO D 267 8.57 7.32 9.56
CA PRO D 267 8.89 6.15 10.37
C PRO D 267 7.70 5.20 10.45
N GLU D 268 6.52 5.74 10.71
CA GLU D 268 5.31 4.95 10.83
C GLU D 268 4.19 5.61 10.01
N PRO D 269 3.24 4.82 9.50
CA PRO D 269 2.09 5.37 8.79
C PRO D 269 1.41 6.46 9.62
N LEU D 270 1.00 7.54 8.97
CA LEU D 270 0.41 8.67 9.67
C LEU D 270 -1.13 8.61 9.74
N THR D 271 -1.68 9.17 10.81
CA THR D 271 -3.12 9.28 10.98
C THR D 271 -3.46 10.70 11.44
N LEU D 272 -4.35 11.35 10.73
CA LEU D 272 -4.69 12.75 11.03
C LEU D 272 -6.17 12.94 11.30
N ARG D 273 -6.48 13.99 12.06
CA ARG D 273 -7.85 14.36 12.35
C ARG D 273 -7.92 15.88 12.38
N TRP D 274 -9.05 16.45 11.96
CA TRP D 274 -9.19 17.90 11.94
C TRP D 274 -9.08 18.48 13.34
N GLU D 275 -8.13 19.40 13.52
CA GLU D 275 -7.95 20.06 14.80
C GLU D 275 -7.88 21.58 14.64
N PRO D 276 -9.04 22.24 14.79
CA PRO D 276 -9.18 23.70 14.65
C PRO D 276 -8.25 24.45 15.60
N ILE E 1 -5.02 9.28 -31.61
CA ILE E 1 -5.37 9.10 -30.20
C ILE E 1 -4.89 10.28 -29.35
N GLN E 2 -5.86 11.04 -28.83
CA GLN E 2 -5.55 12.21 -28.01
C GLN E 2 -6.13 12.10 -26.61
N ARG E 3 -5.64 12.92 -25.70
CA ARG E 3 -6.11 12.91 -24.32
C ARG E 3 -6.24 14.33 -23.78
N THR E 4 -7.36 14.60 -23.11
CA THR E 4 -7.62 15.93 -22.56
C THR E 4 -6.70 16.22 -21.38
N PRO E 5 -6.03 17.39 -21.42
CA PRO E 5 -5.06 17.77 -20.39
C PRO E 5 -5.70 18.09 -19.05
N LYS E 6 -5.08 17.63 -17.97
CA LYS E 6 -5.50 17.95 -16.62
C LYS E 6 -4.74 19.19 -16.15
N ILE E 7 -5.46 20.10 -15.51
CA ILE E 7 -4.88 21.36 -15.07
C ILE E 7 -4.87 21.47 -13.54
N GLN E 8 -3.71 21.78 -12.97
CA GLN E 8 -3.61 22.02 -11.54
C GLN E 8 -2.82 23.30 -11.24
N VAL E 9 -3.53 24.37 -10.91
CA VAL E 9 -2.89 25.62 -10.53
C VAL E 9 -2.79 25.70 -9.00
N TYR E 10 -1.56 25.81 -8.50
CA TYR E 10 -1.33 25.77 -7.06
C TYR E 10 -0.03 26.49 -6.70
N SER E 11 0.12 26.83 -5.42
CA SER E 11 1.34 27.49 -4.95
C SER E 11 2.32 26.48 -4.37
N ARG E 12 3.61 26.74 -4.52
CA ARG E 12 4.64 25.86 -4.01
C ARG E 12 4.49 25.66 -2.49
N HIS E 13 4.42 26.77 -1.77
CA HIS E 13 4.22 26.73 -0.32
C HIS E 13 2.83 27.26 0.01
N PRO E 14 2.32 26.93 1.21
CA PRO E 14 1.03 27.47 1.65
C PRO E 14 0.98 28.98 1.48
N PRO E 15 -0.08 29.48 0.82
CA PRO E 15 -0.22 30.89 0.48
C PRO E 15 -0.38 31.79 1.72
N GLU E 16 0.33 32.91 1.72
CA GLU E 16 0.23 33.88 2.79
C GLU E 16 0.37 35.29 2.23
N ASN E 17 -0.69 36.09 2.39
CA ASN E 17 -0.74 37.42 1.80
C ASN E 17 0.46 38.29 2.16
N GLY E 18 1.15 38.79 1.15
CA GLY E 18 2.30 39.65 1.35
C GLY E 18 3.62 38.90 1.34
N LYS E 19 3.53 37.57 1.43
CA LYS E 19 4.72 36.73 1.45
C LYS E 19 4.99 36.12 0.08
N PRO E 20 6.22 36.27 -0.41
CA PRO E 20 6.65 35.72 -1.71
C PRO E 20 6.35 34.23 -1.82
N ASN E 21 5.99 33.79 -3.02
CA ASN E 21 5.63 32.39 -3.24
C ASN E 21 5.73 32.02 -4.72
N PHE E 22 5.67 30.73 -5.01
CA PHE E 22 5.81 30.25 -6.39
C PHE E 22 4.47 29.73 -6.93
N LEU E 23 4.03 30.30 -8.05
CA LEU E 23 2.82 29.85 -8.71
C LEU E 23 3.14 28.82 -9.78
N ASN E 24 2.47 27.68 -9.71
CA ASN E 24 2.70 26.57 -10.63
C ASN E 24 1.43 26.07 -11.30
N CYS E 25 1.51 25.83 -12.60
CA CYS E 25 0.43 25.21 -13.34
C CYS E 25 0.92 23.88 -13.89
N TYR E 26 0.35 22.79 -13.37
CA TYR E 26 0.73 21.45 -13.77
C TYR E 26 -0.31 20.87 -14.72
N VAL E 27 0.06 20.73 -15.99
CA VAL E 27 -0.82 20.19 -17.01
C VAL E 27 -0.35 18.79 -17.41
N SER E 28 -1.16 17.78 -17.15
CA SER E 28 -0.74 16.40 -17.40
C SER E 28 -1.73 15.62 -18.28
N GLY E 29 -1.42 14.35 -18.49
CA GLY E 29 -2.28 13.46 -19.23
C GLY E 29 -2.88 14.03 -20.51
N PHE E 30 -2.02 14.56 -21.38
CA PHE E 30 -2.49 15.11 -22.64
C PHE E 30 -1.70 14.58 -23.84
N HIS E 31 -2.37 14.50 -24.99
CA HIS E 31 -1.75 14.03 -26.22
C HIS E 31 -2.52 14.61 -27.39
N PRO E 32 -1.81 15.08 -28.43
CA PRO E 32 -0.34 15.08 -28.54
C PRO E 32 0.32 16.11 -27.64
N SER E 33 1.61 16.33 -27.84
CA SER E 33 2.39 17.22 -26.98
C SER E 33 2.13 18.70 -27.26
N ASP E 34 1.75 19.02 -28.50
CA ASP E 34 1.45 20.40 -28.86
C ASP E 34 0.40 20.99 -27.95
N ILE E 35 0.80 22.01 -27.18
CA ILE E 35 -0.10 22.62 -26.21
C ILE E 35 0.42 24.01 -25.83
N GLU E 36 -0.48 24.88 -25.40
CA GLU E 36 -0.07 26.21 -24.95
C GLU E 36 -0.58 26.53 -23.55
N VAL E 37 0.35 26.87 -22.65
CA VAL E 37 -0.02 27.19 -21.28
C VAL E 37 0.39 28.61 -20.91
N ASP E 38 -0.51 29.31 -20.22
CA ASP E 38 -0.24 30.68 -19.79
C ASP E 38 -0.69 30.91 -18.34
N LEU E 39 0.12 31.66 -17.60
CA LEU E 39 -0.24 32.06 -16.24
C LEU E 39 -0.70 33.52 -16.25
N LEU E 40 -1.90 33.75 -15.74
CA LEU E 40 -2.53 35.06 -15.84
C LEU E 40 -2.80 35.67 -14.47
N LYS E 41 -2.53 36.97 -14.35
CA LYS E 41 -2.88 37.73 -13.15
C LYS E 41 -3.93 38.77 -13.50
N ASN E 42 -5.13 38.61 -12.96
CA ASN E 42 -6.24 39.51 -13.24
C ASN E 42 -6.61 39.53 -14.72
N GLY E 43 -6.44 38.40 -15.39
CA GLY E 43 -6.83 38.27 -16.78
C GLY E 43 -5.70 38.46 -17.77
N GLU E 44 -4.67 39.18 -17.35
CA GLU E 44 -3.54 39.47 -18.23
C GLU E 44 -2.36 38.53 -17.98
N LYS E 45 -1.71 38.12 -19.05
CA LYS E 45 -0.55 37.24 -18.96
C LYS E 45 0.53 37.86 -18.07
N MET E 46 1.10 37.04 -17.19
CA MET E 46 2.12 37.51 -16.27
C MET E 46 3.44 37.81 -17.00
N GLY E 47 4.32 38.56 -16.34
CA GLY E 47 5.52 39.06 -16.97
C GLY E 47 6.55 38.02 -17.35
N LYS E 48 6.71 37.01 -16.52
CA LYS E 48 7.79 36.03 -16.72
C LYS E 48 7.38 34.61 -16.33
N VAL E 49 6.94 33.84 -17.32
CA VAL E 49 6.53 32.46 -17.09
C VAL E 49 7.44 31.49 -17.83
N GLU E 50 7.84 30.41 -17.14
CA GLU E 50 8.73 29.42 -17.73
C GLU E 50 8.20 28.01 -17.46
N HIS E 51 8.55 27.07 -18.32
CA HIS E 51 8.07 25.69 -18.19
C HIS E 51 9.21 24.69 -18.10
N SER E 52 8.89 23.49 -17.64
CA SER E 52 9.88 22.43 -17.51
C SER E 52 10.06 21.70 -18.84
N ASP E 53 11.02 20.78 -18.88
CA ASP E 53 11.28 20.00 -20.08
C ASP E 53 10.21 18.94 -20.27
N LEU E 54 9.68 18.85 -21.49
CA LEU E 54 8.59 17.93 -21.80
C LEU E 54 8.90 16.49 -21.41
N SER E 55 7.92 15.82 -20.82
CA SER E 55 8.07 14.43 -20.42
C SER E 55 6.70 13.74 -20.44
N PHE E 56 6.71 12.42 -20.35
CA PHE E 56 5.47 11.65 -20.39
C PHE E 56 5.41 10.59 -19.30
N SER E 57 4.21 10.09 -19.02
CA SER E 57 4.00 9.08 -18.00
C SER E 57 4.03 7.67 -18.60
N LYS E 58 3.67 6.68 -17.79
CA LYS E 58 3.69 5.29 -18.22
C LYS E 58 2.65 5.02 -19.31
N ASP E 59 1.60 5.84 -19.34
CA ASP E 59 0.55 5.70 -20.35
C ASP E 59 0.81 6.62 -21.53
N TRP E 60 2.03 7.14 -21.62
CA TRP E 60 2.49 7.94 -22.76
C TRP E 60 1.94 9.36 -22.76
N SER E 61 1.05 9.67 -21.83
CA SER E 61 0.48 11.01 -21.74
C SER E 61 1.51 12.00 -21.21
N PHE E 62 1.65 13.13 -21.90
CA PHE E 62 2.64 14.13 -21.54
C PHE E 62 2.25 14.94 -20.30
N TYR E 63 3.22 15.62 -19.71
CA TYR E 63 2.98 16.50 -18.58
C TYR E 63 4.00 17.63 -18.54
N LEU E 64 3.54 18.83 -18.18
CA LEU E 64 4.41 20.00 -18.11
C LEU E 64 4.11 20.85 -16.89
N LEU E 65 5.09 21.64 -16.46
CA LEU E 65 4.93 22.51 -15.31
C LEU E 65 5.34 23.94 -15.64
N TYR E 66 4.34 24.82 -15.77
CA TYR E 66 4.62 26.23 -16.05
C TYR E 66 4.61 27.04 -14.75
N TYR E 67 5.76 27.60 -14.39
CA TYR E 67 5.92 28.28 -13.11
C TYR E 67 6.30 29.76 -13.23
N THR E 68 5.99 30.53 -12.20
CA THR E 68 6.37 31.93 -12.13
C THR E 68 6.33 32.42 -10.69
N GLU E 69 7.09 33.47 -10.38
CA GLU E 69 7.09 34.03 -9.04
C GLU E 69 5.89 34.95 -8.83
N PHE E 70 5.25 34.84 -7.67
CA PHE E 70 4.12 35.71 -7.35
C PHE E 70 3.96 35.90 -5.83
N THR E 71 3.38 37.03 -5.45
CA THR E 71 3.11 37.31 -4.05
C THR E 71 1.60 37.40 -3.81
N PRO E 72 1.03 36.34 -3.22
CA PRO E 72 -0.42 36.20 -3.00
C PRO E 72 -1.03 37.35 -2.22
N ASN E 73 -2.29 37.67 -2.53
CA ASN E 73 -3.06 38.66 -1.78
C ASN E 73 -4.54 38.51 -2.06
N GLU E 74 -5.37 39.12 -1.21
CA GLU E 74 -6.82 38.97 -1.30
C GLU E 74 -7.39 39.48 -2.62
N LYS E 75 -7.14 40.75 -2.92
CA LYS E 75 -7.75 41.40 -4.09
C LYS E 75 -7.40 40.73 -5.41
N ASP E 76 -6.11 40.52 -5.66
CA ASP E 76 -5.65 39.98 -6.93
C ASP E 76 -6.12 38.56 -7.21
N GLU E 77 -6.29 38.25 -8.49
CA GLU E 77 -6.73 36.92 -8.91
C GLU E 77 -5.75 36.31 -9.90
N TYR E 78 -5.45 35.03 -9.72
CA TYR E 78 -4.54 34.33 -10.61
C TYR E 78 -5.26 33.15 -11.27
N ALA E 79 -4.81 32.79 -12.48
CA ALA E 79 -5.44 31.70 -13.21
C ALA E 79 -4.48 31.06 -14.21
N CYS E 80 -4.85 29.88 -14.71
CA CYS E 80 -4.05 29.18 -15.70
C CYS E 80 -4.86 28.86 -16.94
N ARG E 81 -4.43 29.37 -18.08
CA ARG E 81 -5.13 29.16 -19.35
C ARG E 81 -4.40 28.14 -20.22
N VAL E 82 -5.15 27.20 -20.78
CA VAL E 82 -4.55 26.13 -21.58
C VAL E 82 -5.28 25.91 -22.91
N ASN E 83 -4.51 25.88 -23.99
CA ASN E 83 -5.03 25.55 -25.32
C ASN E 83 -4.47 24.25 -25.86
N HIS E 84 -5.36 23.36 -26.24
CA HIS E 84 -4.99 22.06 -26.78
C HIS E 84 -5.98 21.68 -27.89
N VAL E 85 -5.52 20.83 -28.81
CA VAL E 85 -6.35 20.44 -29.95
C VAL E 85 -7.64 19.75 -29.51
N THR E 86 -7.64 19.20 -28.30
CA THR E 86 -8.80 18.47 -27.79
C THR E 86 -9.74 19.37 -27.01
N LEU E 87 -9.39 20.65 -26.90
CA LEU E 87 -10.20 21.61 -26.16
C LEU E 87 -11.03 22.49 -27.08
N SER E 88 -12.32 22.59 -26.78
CA SER E 88 -13.21 23.47 -27.53
C SER E 88 -13.05 24.90 -27.02
N GLY E 89 -11.91 25.50 -27.35
CA GLY E 89 -11.57 26.82 -26.85
C GLY E 89 -10.63 26.72 -25.66
N PRO E 90 -10.05 27.85 -25.26
CA PRO E 90 -9.09 27.86 -24.14
C PRO E 90 -9.78 27.59 -22.81
N ARG E 91 -9.16 26.78 -21.97
CA ARG E 91 -9.70 26.50 -20.64
C ARG E 91 -8.94 27.31 -19.59
N THR E 92 -9.69 27.95 -18.70
CA THR E 92 -9.10 28.78 -17.65
C THR E 92 -9.44 28.25 -16.27
N VAL E 93 -8.41 28.02 -15.46
CA VAL E 93 -8.60 27.53 -14.10
C VAL E 93 -8.09 28.54 -13.09
N LYS E 94 -9.02 29.18 -12.38
CA LYS E 94 -8.66 30.15 -11.34
C LYS E 94 -7.93 29.46 -10.19
N TRP E 95 -6.90 30.12 -9.68
CA TRP E 95 -6.13 29.58 -8.56
C TRP E 95 -6.90 29.71 -7.26
N ASP E 96 -7.24 28.57 -6.66
CA ASP E 96 -7.93 28.55 -5.37
C ASP E 96 -6.94 28.17 -4.28
N ARG E 97 -6.72 29.07 -3.33
CA ARG E 97 -5.75 28.85 -2.26
C ARG E 97 -6.18 27.71 -1.33
N ASP E 98 -7.43 27.27 -1.48
CA ASP E 98 -7.93 26.14 -0.70
C ASP E 98 -7.65 24.83 -1.41
N MET E 99 -7.09 24.92 -2.62
CA MET E 99 -6.78 23.74 -3.41
C MET E 99 -5.35 23.78 -3.93
N ILE F 1 24.84 6.53 -18.25
CA ILE F 1 24.55 7.55 -19.24
C ILE F 1 23.58 7.04 -20.30
N ARG F 2 23.47 7.78 -21.40
CA ARG F 2 22.57 7.39 -22.49
C ARG F 2 23.03 6.10 -23.16
N TYR F 3 22.19 5.58 -24.05
CA TYR F 3 22.50 4.35 -24.77
C TYR F 3 23.30 4.64 -26.04
N PRO F 4 24.49 4.02 -26.16
CA PRO F 4 25.38 4.20 -27.31
C PRO F 4 24.85 3.51 -28.56
N LYS F 5 24.78 4.23 -29.68
CA LYS F 5 24.36 3.63 -30.94
C LYS F 5 25.57 3.05 -31.66
N THR F 6 25.67 1.72 -31.67
CA THR F 6 26.78 1.05 -32.31
C THR F 6 26.35 0.38 -33.62
N PHE F 7 25.04 0.32 -33.84
CA PHE F 7 24.48 -0.25 -35.06
C PHE F 7 23.17 0.39 -35.44
N GLY F 8 22.29 0.57 -34.46
CA GLY F 8 21.01 1.21 -34.69
C GLY F 8 19.82 0.34 -34.30
N TRP F 9 18.71 0.99 -33.98
CA TRP F 9 17.49 0.29 -33.61
C TRP F 9 16.35 0.70 -34.53
N LEU F 10 16.62 0.76 -35.83
CA LEU F 10 15.64 1.17 -36.81
C LEU F 10 14.41 0.26 -36.81
N TRP F 11 13.24 0.86 -36.95
CA TRP F 11 11.99 0.11 -37.00
C TRP F 11 11.84 -0.61 -38.33
#